data_2WL3
#
_entry.id   2WL3
#
_cell.length_a   102.373
_cell.length_b   102.373
_cell.length_c   142.399
_cell.angle_alpha   90.00
_cell.angle_beta   90.00
_cell.angle_gamma   90.00
#
_symmetry.space_group_name_H-M   'P 4'
#
loop_
_entity.id
_entity.type
_entity.pdbx_description
1 polymer 'CATECHOL 2,3-DIOXYGENASE'
2 non-polymer 'FE (III) ION'
3 non-polymer 'CALCIUM ION'
4 non-polymer GLYCEROL
5 water water
#
_entity_poly.entity_id   1
_entity_poly.type   'polypeptide(L)'
_entity_poly.pdbx_seq_one_letter_code
;(MSE)AKVTELGYLGLSVSNLDAWRDYAAGI(MSE)G(MSE)QVVDDGEDDRIYLR(MSE)DRWHHRIVLHADGSDDLAY
IGWRVAGPVELDELAEQLKNAGIPFEVASDADAAERRVLGLVKLHDPGGNPTEIFYGPQVDTSSPFHPGRP(MSE)FGKF
VTEGQGLGHIIIREDDVEEATRFYRLLGLEGAVEYKFALPNGAVGTPVF(MSE)HCNDRHHSLAFGVGP(MSE)DKRINH
L(MSE)IEYTHLDDLGYAHDLVRQQKIDVTLQIGKHSNDEALTFYCANPSGWLWEPGWGSRPAPAQQEHYLRDIFGHDNE
VEGYGLDIPLKGLDIPA
;
_entity_poly.pdbx_strand_id   A,B,C,D
#
loop_
_chem_comp.id
_chem_comp.type
_chem_comp.name
_chem_comp.formula
CA non-polymer 'CALCIUM ION' 'Ca 2'
FE non-polymer 'FE (III) ION' 'Fe 3'
GOL non-polymer GLYCEROL 'C3 H8 O3'
#
# COMPACT_ATOMS: atom_id res chain seq x y z
N ALA A 2 -31.30 7.28 16.09
CA ALA A 2 -30.91 8.37 15.13
C ALA A 2 -29.92 7.84 14.08
N LYS A 3 -30.25 8.01 12.81
CA LYS A 3 -29.32 7.64 11.73
C LYS A 3 -29.19 8.82 10.76
N VAL A 4 -28.14 8.80 9.93
CA VAL A 4 -28.11 9.75 8.83
C VAL A 4 -29.17 9.32 7.84
N THR A 5 -29.74 10.28 7.11
CA THR A 5 -30.85 9.98 6.21
C THR A 5 -30.52 10.15 4.73
N GLU A 6 -29.43 10.85 4.40
CA GLU A 6 -29.04 11.02 2.98
C GLU A 6 -27.68 11.67 2.83
N LEU A 7 -27.04 11.40 1.69
CA LEU A 7 -25.84 12.14 1.28
C LEU A 7 -26.32 13.51 0.85
N GLY A 8 -26.09 14.50 1.71
CA GLY A 8 -26.65 15.83 1.49
C GLY A 8 -25.80 16.70 0.58
N TYR A 9 -24.48 16.72 0.84
CA TYR A 9 -23.54 17.55 0.06
C TYR A 9 -22.09 17.04 -0.08
N LEU A 10 -21.44 17.52 -1.15
CA LEU A 10 -20.03 17.28 -1.39
C LEU A 10 -19.31 18.60 -1.55
N GLY A 11 -18.15 18.72 -0.94
CA GLY A 11 -17.23 19.81 -1.24
C GLY A 11 -16.08 19.23 -2.06
N LEU A 12 -15.78 19.90 -3.17
CA LEU A 12 -14.68 19.47 -4.04
C LEU A 12 -13.59 20.54 -4.11
N SER A 13 -12.36 20.07 -4.25
CA SER A 13 -11.22 20.90 -4.54
C SER A 13 -11.05 20.82 -6.04
N VAL A 14 -11.12 21.98 -6.71
CA VAL A 14 -10.93 22.04 -8.16
C VAL A 14 -9.89 23.11 -8.49
N SER A 15 -9.26 22.97 -9.65
CA SER A 15 -8.24 23.92 -10.10
C SER A 15 -8.70 24.77 -11.28
N ASN A 16 -9.84 24.39 -11.87
CA ASN A 16 -10.34 25.05 -13.07
C ASN A 16 -11.86 25.27 -12.97
N LEU A 17 -12.23 26.44 -12.47
CA LEU A 17 -13.61 26.78 -12.19
C LEU A 17 -14.44 26.91 -13.49
N ASP A 18 -13.89 27.63 -14.46
CA ASP A 18 -14.47 27.77 -15.81
C ASP A 18 -14.83 26.44 -16.48
N ALA A 19 -13.89 25.49 -16.45
CA ALA A 19 -14.08 24.18 -17.08
C ALA A 19 -15.14 23.35 -16.37
N TRP A 20 -15.27 23.54 -15.05
CA TRP A 20 -16.32 22.90 -14.26
C TRP A 20 -17.73 23.42 -14.56
N ARG A 21 -17.84 24.72 -14.83
CA ARG A 21 -19.12 25.32 -15.29
C ARG A 21 -19.61 24.70 -16.59
N ASP A 22 -18.74 24.68 -17.60
CA ASP A 22 -19.04 24.07 -18.89
C ASP A 22 -19.48 22.62 -18.78
N TYR A 23 -18.97 21.92 -17.76
CA TYR A 23 -19.19 20.50 -17.62
C TYR A 23 -20.42 20.17 -16.79
N ALA A 24 -20.40 20.66 -15.54
CA ALA A 24 -21.45 20.36 -14.57
C ALA A 24 -22.76 21.00 -14.99
N ALA A 25 -22.68 22.18 -15.59
CA ALA A 25 -23.88 22.89 -15.97
C ALA A 25 -24.20 22.68 -17.44
N GLY A 26 -23.26 23.04 -18.31
CA GLY A 26 -23.44 22.93 -19.75
C GLY A 26 -23.71 21.52 -20.26
N ILE A 27 -23.20 20.50 -19.59
CA ILE A 27 -23.48 19.14 -20.01
C ILE A 27 -24.48 18.45 -19.11
N MSE A 28 -24.23 18.45 -17.80
CA MSE A 28 -25.06 17.67 -16.86
C MSE A 28 -26.39 18.36 -16.54
O MSE A 28 -27.38 17.70 -16.24
CB MSE A 28 -24.29 17.32 -15.57
CG MSE A 28 -23.00 16.52 -15.77
SE MSE A 28 -23.21 14.95 -16.90
CE MSE A 28 -21.44 14.14 -16.79
N GLY A 29 -26.43 19.69 -16.59
CA GLY A 29 -27.66 20.42 -16.37
C GLY A 29 -27.84 21.01 -14.99
N MSE A 30 -26.83 20.90 -14.15
CA MSE A 30 -26.85 21.53 -12.83
C MSE A 30 -26.87 23.05 -12.96
O MSE A 30 -26.50 23.58 -13.99
CB MSE A 30 -25.64 21.10 -11.99
CG MSE A 30 -25.60 19.59 -11.75
SE MSE A 30 -24.19 19.03 -10.54
CE MSE A 30 -24.73 17.17 -10.37
N GLN A 31 -27.32 23.74 -11.92
CA GLN A 31 -27.36 25.19 -11.92
C GLN A 31 -26.15 25.73 -11.17
N VAL A 32 -25.43 26.65 -11.82
CA VAL A 32 -24.33 27.34 -11.16
C VAL A 32 -24.87 28.46 -10.27
N VAL A 33 -24.45 28.45 -9.01
CA VAL A 33 -24.81 29.47 -8.05
C VAL A 33 -23.51 30.15 -7.59
N ASP A 34 -23.47 31.47 -7.74
CA ASP A 34 -22.32 32.30 -7.39
C ASP A 34 -22.80 33.43 -6.48
N ASP A 35 -22.53 33.31 -5.17
CA ASP A 35 -22.92 34.33 -4.21
C ASP A 35 -21.81 35.36 -3.96
N GLY A 36 -20.88 35.47 -4.91
CA GLY A 36 -19.86 36.52 -4.88
C GLY A 36 -18.67 36.27 -3.97
N GLU A 37 -18.64 35.10 -3.33
CA GLU A 37 -17.49 34.70 -2.52
C GLU A 37 -16.31 34.50 -3.46
N ASP A 38 -15.12 34.84 -3.00
CA ASP A 38 -13.95 34.96 -3.88
C ASP A 38 -13.21 33.64 -4.14
N ASP A 39 -13.52 32.60 -3.35
CA ASP A 39 -12.78 31.34 -3.42
C ASP A 39 -13.65 30.14 -3.82
N ARG A 40 -14.95 30.36 -3.93
CA ARG A 40 -15.87 29.25 -4.20
C ARG A 40 -17.10 29.66 -5.01
N ILE A 41 -17.69 28.65 -5.66
CA ILE A 41 -19.04 28.75 -6.22
C ILE A 41 -19.74 27.43 -5.89
N TYR A 42 -20.99 27.27 -6.35
CA TYR A 42 -21.83 26.14 -5.96
C TYR A 42 -22.51 25.53 -7.18
N LEU A 43 -22.85 24.24 -7.06
CA LEU A 43 -23.65 23.53 -8.04
C LEU A 43 -24.94 23.08 -7.35
N ARG A 44 -26.05 23.38 -8.00
CA ARG A 44 -27.38 23.18 -7.45
C ARG A 44 -28.11 22.21 -8.38
N MSE A 45 -28.92 21.33 -7.79
CA MSE A 45 -29.61 20.26 -8.51
C MSE A 45 -31.11 20.20 -8.22
O MSE A 45 -31.84 19.50 -8.93
CB MSE A 45 -29.02 18.90 -8.13
CG MSE A 45 -27.55 18.75 -8.36
SE MSE A 45 -26.89 17.10 -7.55
CE MSE A 45 -28.18 15.84 -8.30
N ASP A 46 -31.53 20.87 -7.15
CA ASP A 46 -32.92 20.85 -6.68
C ASP A 46 -33.21 22.11 -5.83
N ARG A 47 -34.20 22.01 -4.93
CA ARG A 47 -34.60 23.13 -4.10
C ARG A 47 -33.47 23.70 -3.22
N TRP A 48 -32.59 22.82 -2.73
CA TRP A 48 -31.48 23.23 -1.85
C TRP A 48 -30.65 24.34 -2.53
N HIS A 49 -30.13 25.28 -1.75
CA HIS A 49 -29.21 26.30 -2.28
C HIS A 49 -28.09 25.64 -3.09
N HIS A 50 -27.58 24.49 -2.60
CA HIS A 50 -26.56 23.73 -3.35
C HIS A 50 -26.53 22.28 -2.92
N ARG A 51 -25.98 21.40 -3.77
CA ARG A 51 -25.55 20.08 -3.29
C ARG A 51 -24.03 19.88 -3.47
N ILE A 52 -23.38 20.70 -4.29
CA ILE A 52 -21.93 20.59 -4.46
C ILE A 52 -21.22 21.94 -4.37
N VAL A 53 -20.18 21.98 -3.53
CA VAL A 53 -19.32 23.16 -3.43
C VAL A 53 -18.00 22.97 -4.19
N LEU A 54 -17.69 23.92 -5.06
CA LEU A 54 -16.42 23.94 -5.77
C LEU A 54 -15.54 24.98 -5.12
N HIS A 55 -14.53 24.50 -4.39
CA HIS A 55 -13.51 25.34 -3.78
C HIS A 55 -12.35 25.45 -4.76
N ALA A 56 -12.11 26.66 -5.25
CA ALA A 56 -11.09 26.86 -6.27
C ALA A 56 -9.71 26.96 -5.65
N ASP A 57 -9.26 25.88 -5.03
CA ASP A 57 -8.01 25.92 -4.27
C ASP A 57 -6.79 25.34 -5.01
N GLY A 58 -6.96 25.05 -6.29
CA GLY A 58 -5.83 24.57 -7.12
C GLY A 58 -5.60 23.07 -7.06
N SER A 59 -6.21 22.41 -6.08
CA SER A 59 -6.14 20.96 -5.93
C SER A 59 -7.26 20.36 -6.79
N ASP A 60 -7.32 19.03 -6.94
CA ASP A 60 -8.40 18.40 -7.73
C ASP A 60 -8.93 17.09 -7.14
N ASP A 61 -9.67 17.21 -6.03
CA ASP A 61 -10.09 16.06 -5.25
C ASP A 61 -11.32 16.38 -4.39
N LEU A 62 -11.82 15.39 -3.66
CA LEU A 62 -12.87 15.58 -2.67
C LEU A 62 -12.35 16.31 -1.41
N ALA A 63 -13.09 17.32 -0.96
CA ALA A 63 -12.72 18.03 0.26
C ALA A 63 -13.45 17.50 1.50
N TYR A 64 -14.77 17.33 1.41
CA TYR A 64 -15.57 16.78 2.51
C TYR A 64 -16.89 16.18 2.02
N ILE A 65 -17.47 15.31 2.85
CA ILE A 65 -18.77 14.64 2.58
C ILE A 65 -19.79 15.03 3.67
N GLY A 66 -20.90 15.66 3.29
CA GLY A 66 -21.92 16.06 4.25
C GLY A 66 -23.08 15.06 4.33
N TRP A 67 -23.28 14.45 5.50
CA TRP A 67 -24.44 13.55 5.71
C TRP A 67 -25.55 14.30 6.45
N ARG A 68 -26.77 14.24 5.94
CA ARG A 68 -27.89 14.90 6.60
C ARG A 68 -28.45 14.02 7.71
N VAL A 69 -28.85 14.63 8.83
CA VAL A 69 -29.79 14.01 9.77
C VAL A 69 -31.00 14.94 9.88
N ALA A 70 -32.07 14.48 10.53
CA ALA A 70 -33.40 15.06 10.41
C ALA A 70 -33.55 16.38 11.16
N GLY A 71 -32.81 16.53 12.26
CA GLY A 71 -32.85 17.77 13.03
C GLY A 71 -31.89 17.74 14.20
N PRO A 72 -31.99 18.75 15.09
CA PRO A 72 -31.06 18.98 16.20
C PRO A 72 -31.01 17.87 17.25
N VAL A 73 -32.16 17.31 17.61
CA VAL A 73 -32.17 16.17 18.55
C VAL A 73 -31.42 14.98 17.93
N GLU A 74 -31.62 14.76 16.64
CA GLU A 74 -30.95 13.64 15.96
C GLU A 74 -29.44 13.86 15.86
N LEU A 75 -29.00 15.10 15.67
CA LEU A 75 -27.58 15.39 15.59
C LEU A 75 -26.91 15.07 16.93
N ASP A 76 -27.59 15.42 18.03
CA ASP A 76 -27.10 15.15 19.40
C ASP A 76 -26.95 13.67 19.73
N GLU A 77 -27.92 12.84 19.33
CA GLU A 77 -27.88 11.41 19.61
C GLU A 77 -26.71 10.74 18.87
N LEU A 78 -26.43 11.23 17.67
CA LEU A 78 -25.37 10.67 16.85
C LEU A 78 -24.01 11.12 17.37
N ALA A 79 -23.93 12.35 17.87
CA ALA A 79 -22.72 12.83 18.53
C ALA A 79 -22.46 12.02 19.81
N GLU A 80 -23.54 11.73 20.54
CA GLU A 80 -23.48 10.90 21.73
C GLU A 80 -22.98 9.49 21.37
N GLN A 81 -23.49 8.94 20.27
CA GLN A 81 -23.01 7.66 19.74
C GLN A 81 -21.52 7.69 19.37
N LEU A 82 -21.08 8.78 18.75
CA LEU A 82 -19.69 8.98 18.37
C LEU A 82 -18.78 9.10 19.60
N LYS A 83 -19.26 9.82 20.61
CA LYS A 83 -18.54 9.98 21.87
C LYS A 83 -18.43 8.65 22.62
N ASN A 84 -19.46 7.82 22.54
CA ASN A 84 -19.47 6.50 23.19
C ASN A 84 -18.52 5.51 22.52
N ALA A 85 -18.23 5.73 21.24
CA ALA A 85 -17.40 4.82 20.45
C ALA A 85 -15.94 5.28 20.40
N GLY A 86 -15.67 6.42 21.03
CA GLY A 86 -14.31 6.95 21.10
C GLY A 86 -13.86 7.59 19.81
N ILE A 87 -14.81 8.10 19.04
CA ILE A 87 -14.53 8.79 17.78
C ILE A 87 -14.53 10.31 18.01
N PRO A 88 -13.39 10.95 17.71
CA PRO A 88 -13.30 12.41 17.88
C PRO A 88 -14.18 13.15 16.88
N PHE A 89 -14.80 14.23 17.33
CA PHE A 89 -15.61 15.07 16.48
C PHE A 89 -15.61 16.49 17.00
N GLU A 90 -15.89 17.43 16.10
CA GLU A 90 -16.01 18.82 16.47
C GLU A 90 -17.46 19.28 16.33
N VAL A 91 -18.01 19.88 17.38
CA VAL A 91 -19.30 20.58 17.28
C VAL A 91 -19.03 21.97 16.72
N ALA A 92 -19.35 22.14 15.44
CA ALA A 92 -19.07 23.38 14.71
C ALA A 92 -19.79 24.58 15.30
N SER A 93 -19.12 25.73 15.28
CA SER A 93 -19.71 26.99 15.72
C SER A 93 -20.80 27.46 14.76
N ASP A 94 -21.65 28.37 15.22
CA ASP A 94 -22.68 28.95 14.38
C ASP A 94 -22.11 29.49 13.06
N ALA A 95 -20.94 30.12 13.13
CA ALA A 95 -20.31 30.70 11.95
C ALA A 95 -19.89 29.63 10.95
N ASP A 96 -19.35 28.52 11.45
CA ASP A 96 -18.92 27.41 10.59
C ASP A 96 -20.12 26.68 9.96
N ALA A 97 -21.20 26.58 10.72
CA ALA A 97 -22.44 26.01 10.21
C ALA A 97 -23.06 26.92 9.15
N ALA A 98 -22.93 28.22 9.35
CA ALA A 98 -23.42 29.18 8.37
C ALA A 98 -22.63 29.10 7.06
N GLU A 99 -21.31 28.87 7.13
CA GLU A 99 -20.46 28.73 5.93
C GLU A 99 -20.92 27.59 5.02
N ARG A 100 -21.30 26.46 5.65
CA ARG A 100 -21.85 25.27 4.97
C ARG A 100 -23.32 25.39 4.55
N ARG A 101 -23.98 26.45 4.95
CA ARG A 101 -25.40 26.69 4.77
C ARG A 101 -26.33 25.74 5.47
N VAL A 102 -25.98 25.39 6.67
CA VAL A 102 -26.75 24.46 7.49
C VAL A 102 -27.02 25.13 8.84
N LEU A 103 -27.88 24.53 9.67
CA LEU A 103 -28.19 25.11 11.00
C LEU A 103 -27.28 24.58 12.09
N GLY A 104 -27.01 23.29 12.04
CA GLY A 104 -26.16 22.62 13.00
C GLY A 104 -25.23 21.70 12.27
N LEU A 105 -24.01 21.58 12.77
CA LEU A 105 -22.95 20.85 12.06
C LEU A 105 -21.93 20.25 13.03
N VAL A 106 -21.49 19.03 12.69
CA VAL A 106 -20.47 18.28 13.39
C VAL A 106 -19.43 17.83 12.36
N LYS A 107 -18.17 18.06 12.62
CA LYS A 107 -17.09 17.71 11.71
C LYS A 107 -16.24 16.55 12.20
N LEU A 108 -15.88 15.63 11.33
CA LEU A 108 -15.05 14.51 11.67
C LEU A 108 -14.38 13.82 10.51
N HIS A 109 -13.91 12.62 10.72
CA HIS A 109 -13.24 11.84 9.69
C HIS A 109 -13.65 10.37 9.80
N ASP A 110 -13.68 9.68 8.67
CA ASP A 110 -13.95 8.27 8.65
C ASP A 110 -12.58 7.55 8.80
N PRO A 111 -12.56 6.21 8.90
CA PRO A 111 -11.26 5.52 9.09
C PRO A 111 -10.27 5.67 7.94
N GLY A 112 -10.74 6.06 6.76
CA GLY A 112 -9.82 6.28 5.62
C GLY A 112 -9.33 7.72 5.60
N GLY A 113 -9.66 8.45 6.66
CA GLY A 113 -9.26 9.83 6.83
C GLY A 113 -10.07 10.81 6.02
N ASN A 114 -11.14 10.36 5.37
CA ASN A 114 -11.95 11.25 4.54
C ASN A 114 -12.76 12.19 5.44
N PRO A 115 -12.58 13.51 5.28
CA PRO A 115 -13.32 14.47 6.10
C PRO A 115 -14.82 14.25 5.98
N THR A 116 -15.47 14.02 7.12
CA THR A 116 -16.86 13.68 7.16
C THR A 116 -17.66 14.68 8.02
N GLU A 117 -18.84 15.06 7.56
CA GLU A 117 -19.67 16.06 8.26
C GLU A 117 -21.09 15.53 8.41
N ILE A 118 -21.69 15.78 9.56
CA ILE A 118 -23.07 15.40 9.81
C ILE A 118 -23.83 16.69 10.14
N PHE A 119 -24.94 16.95 9.46
CA PHE A 119 -25.61 18.24 9.60
C PHE A 119 -27.10 18.09 9.61
N TYR A 120 -27.80 19.14 10.06
CA TYR A 120 -29.22 19.23 9.85
C TYR A 120 -29.55 20.63 9.35
N GLY A 121 -30.67 20.73 8.64
CA GLY A 121 -31.25 22.02 8.27
C GLY A 121 -30.49 22.77 7.17
N PRO A 122 -30.35 22.14 5.97
CA PRO A 122 -29.74 22.79 4.80
C PRO A 122 -30.51 24.02 4.36
N GLN A 123 -29.83 24.99 3.77
CA GLN A 123 -30.51 26.13 3.17
C GLN A 123 -31.26 25.69 1.91
N VAL A 124 -32.55 26.02 1.87
CA VAL A 124 -33.41 25.66 0.75
C VAL A 124 -33.94 26.98 0.19
N ASP A 125 -33.78 27.17 -1.12
CA ASP A 125 -34.35 28.35 -1.76
C ASP A 125 -35.61 27.97 -2.55
N THR A 126 -36.76 28.14 -1.92
CA THR A 126 -38.02 27.73 -2.54
C THR A 126 -38.67 28.93 -3.22
N SER A 127 -37.98 30.07 -3.22
CA SER A 127 -38.48 31.27 -3.88
C SER A 127 -37.80 31.49 -5.23
N SER A 128 -36.70 30.79 -5.47
CA SER A 128 -36.06 30.79 -6.77
C SER A 128 -35.83 29.36 -7.24
N PRO A 129 -36.75 28.85 -8.07
CA PRO A 129 -36.71 27.43 -8.44
C PRO A 129 -35.46 27.03 -9.23
N PHE A 130 -35.09 25.76 -9.08
CA PHE A 130 -34.02 25.16 -9.85
C PHE A 130 -34.15 25.53 -11.34
N HIS A 131 -33.09 26.13 -11.89
CA HIS A 131 -33.06 26.48 -13.29
C HIS A 131 -31.81 25.85 -13.94
N PRO A 132 -32.00 24.77 -14.71
CA PRO A 132 -30.91 23.95 -15.22
C PRO A 132 -29.92 24.71 -16.11
N GLY A 133 -28.66 24.28 -16.09
CA GLY A 133 -27.59 24.93 -16.85
C GLY A 133 -27.61 24.64 -18.35
N ARG A 134 -28.37 23.62 -18.74
CA ARG A 134 -28.73 23.40 -20.13
C ARG A 134 -30.19 22.95 -20.17
N PRO A 135 -30.83 22.96 -21.35
CA PRO A 135 -32.24 22.53 -21.36
C PRO A 135 -32.45 21.11 -20.83
N MSE A 136 -33.45 20.91 -19.97
CA MSE A 136 -33.68 19.60 -19.38
C MSE A 136 -35.11 19.11 -19.56
O MSE A 136 -36.05 19.87 -19.39
CB MSE A 136 -33.32 19.60 -17.89
CG MSE A 136 -31.85 19.29 -17.59
SE MSE A 136 -31.50 19.20 -15.69
CE MSE A 136 -32.16 17.41 -15.31
N PHE A 137 -35.24 17.83 -19.90
CA PHE A 137 -36.54 17.18 -20.07
C PHE A 137 -37.26 16.98 -18.75
N GLY A 138 -36.49 16.72 -17.70
CA GLY A 138 -37.03 16.52 -16.35
C GLY A 138 -36.18 17.21 -15.29
N LYS A 139 -35.83 16.46 -14.25
CA LYS A 139 -35.12 16.96 -13.07
CA LYS A 139 -35.03 17.00 -13.16
C LYS A 139 -34.09 15.91 -12.62
N PHE A 140 -33.43 16.21 -11.51
CA PHE A 140 -32.58 15.21 -10.89
C PHE A 140 -33.41 14.42 -9.86
N VAL A 141 -32.98 13.20 -9.57
CA VAL A 141 -33.61 12.45 -8.49
C VAL A 141 -32.84 12.74 -7.20
N THR A 142 -33.43 13.54 -6.31
CA THR A 142 -32.79 13.90 -5.02
C THR A 142 -33.68 13.74 -3.78
N GLU A 143 -34.99 13.87 -3.94
CA GLU A 143 -35.88 14.02 -2.79
C GLU A 143 -35.94 12.74 -1.95
N GLY A 144 -35.43 12.82 -0.72
CA GLY A 144 -35.37 11.66 0.19
C GLY A 144 -34.30 10.65 -0.21
N GLN A 145 -33.49 11.03 -1.19
CA GLN A 145 -32.49 10.14 -1.76
C GLN A 145 -31.09 10.78 -1.82
N GLY A 146 -31.01 12.07 -1.52
CA GLY A 146 -29.71 12.76 -1.52
C GLY A 146 -29.15 13.01 -2.90
N LEU A 147 -27.87 13.36 -2.98
CA LEU A 147 -27.35 13.88 -4.25
C LEU A 147 -27.07 12.80 -5.31
N GLY A 148 -26.71 11.60 -4.85
CA GLY A 148 -26.30 10.51 -5.71
C GLY A 148 -25.50 9.56 -4.85
N HIS A 149 -24.58 8.84 -5.48
CA HIS A 149 -23.71 7.97 -4.69
C HIS A 149 -22.25 8.11 -5.04
N ILE A 150 -21.39 7.82 -4.08
CA ILE A 150 -19.95 8.01 -4.30
C ILE A 150 -19.18 6.76 -3.94
N ILE A 151 -18.07 6.53 -4.64
CA ILE A 151 -17.08 5.53 -4.26
C ILE A 151 -15.86 6.30 -3.71
N ILE A 152 -15.47 5.97 -2.48
CA ILE A 152 -14.35 6.68 -1.87
C ILE A 152 -13.24 5.72 -1.43
N ARG A 153 -12.08 6.28 -1.14
CA ARG A 153 -10.93 5.50 -0.71
C ARG A 153 -11.07 5.08 0.76
N GLU A 154 -10.79 3.82 1.02
CA GLU A 154 -10.71 3.31 2.38
C GLU A 154 -9.52 2.34 2.49
N ASP A 155 -8.68 2.56 3.49
CA ASP A 155 -7.53 1.66 3.70
C ASP A 155 -7.94 0.42 4.52
N ASP A 156 -8.98 0.55 5.33
CA ASP A 156 -9.50 -0.56 6.14
C ASP A 156 -11.00 -0.71 5.94
N VAL A 157 -11.36 -1.69 5.11
CA VAL A 157 -12.74 -1.90 4.71
C VAL A 157 -13.62 -2.24 5.91
N GLU A 158 -13.21 -3.24 6.69
CA GLU A 158 -13.95 -3.65 7.87
C GLU A 158 -14.19 -2.46 8.82
N GLU A 159 -13.14 -1.68 9.06
CA GLU A 159 -13.22 -0.51 9.93
C GLU A 159 -14.13 0.57 9.32
N ALA A 160 -14.04 0.78 8.01
CA ALA A 160 -14.92 1.76 7.36
C ALA A 160 -16.36 1.32 7.52
N THR A 161 -16.60 0.02 7.34
CA THR A 161 -17.96 -0.52 7.37
C THR A 161 -18.56 -0.31 8.75
N ARG A 162 -17.76 -0.56 9.78
CA ARG A 162 -18.18 -0.35 11.17
C ARG A 162 -18.49 1.12 11.49
N PHE A 163 -17.66 2.02 10.98
CA PHE A 163 -17.88 3.44 11.18
C PHE A 163 -19.21 3.87 10.56
N TYR A 164 -19.43 3.50 9.30
CA TYR A 164 -20.63 3.90 8.59
C TYR A 164 -21.91 3.25 9.09
N ARG A 165 -21.81 2.05 9.66
CA ARG A 165 -22.97 1.43 10.32
C ARG A 165 -23.37 2.24 11.55
N LEU A 166 -22.38 2.82 12.22
CA LEU A 166 -22.64 3.67 13.38
C LEU A 166 -23.34 4.97 12.97
N LEU A 167 -23.06 5.42 11.75
CA LEU A 167 -23.75 6.59 11.21
C LEU A 167 -25.20 6.28 10.88
N GLY A 168 -25.49 4.99 10.62
CA GLY A 168 -26.85 4.51 10.34
C GLY A 168 -27.02 3.90 8.96
N LEU A 169 -25.98 3.98 8.14
CA LEU A 169 -25.99 3.29 6.87
C LEU A 169 -26.05 1.77 7.06
N GLU A 170 -26.55 1.08 6.04
CA GLU A 170 -26.67 -0.37 6.06
C GLU A 170 -26.08 -0.94 4.78
N GLY A 171 -25.57 -2.17 4.85
CA GLY A 171 -25.06 -2.82 3.66
C GLY A 171 -23.90 -3.74 3.94
N ALA A 172 -23.34 -4.28 2.86
CA ALA A 172 -22.30 -5.30 2.94
C ALA A 172 -21.66 -5.46 1.58
N VAL A 173 -20.79 -6.48 1.46
CA VAL A 173 -20.22 -6.91 0.18
C VAL A 173 -21.31 -7.20 -0.84
N GLU A 174 -21.15 -6.69 -2.06
CA GLU A 174 -22.13 -6.95 -3.12
C GLU A 174 -21.60 -7.67 -4.36
N TYR A 175 -20.30 -7.61 -4.58
CA TYR A 175 -19.67 -8.35 -5.66
C TYR A 175 -18.51 -9.18 -5.15
N LYS A 176 -18.28 -10.31 -5.81
CA LYS A 176 -17.07 -11.10 -5.66
C LYS A 176 -16.48 -11.18 -7.06
N PHE A 177 -15.36 -10.49 -7.28
CA PHE A 177 -14.67 -10.55 -8.56
C PHE A 177 -13.19 -10.89 -8.38
N ALA A 178 -12.71 -11.87 -9.15
CA ALA A 178 -11.31 -12.30 -9.11
C ALA A 178 -10.39 -11.19 -9.62
N LEU A 179 -9.29 -10.96 -8.92
CA LEU A 179 -8.34 -9.89 -9.24
C LEU A 179 -7.01 -10.46 -9.72
N PRO A 180 -6.26 -9.67 -10.53
CA PRO A 180 -4.95 -10.11 -11.05
C PRO A 180 -4.05 -10.71 -9.97
N ASN A 181 -3.94 -9.98 -8.85
CA ASN A 181 -3.08 -10.37 -7.71
C ASN A 181 -3.48 -11.67 -7.03
N GLY A 182 -4.77 -12.03 -7.11
CA GLY A 182 -5.28 -13.24 -6.49
C GLY A 182 -6.22 -12.94 -5.35
N ALA A 183 -6.01 -11.78 -4.70
CA ALA A 183 -6.92 -11.28 -3.67
C ALA A 183 -8.29 -11.03 -4.29
N VAL A 184 -9.23 -11.93 -4.02
CA VAL A 184 -10.59 -11.83 -4.53
C VAL A 184 -11.19 -10.49 -4.09
N GLY A 185 -11.71 -9.73 -5.05
CA GLY A 185 -12.29 -8.42 -4.78
C GLY A 185 -13.65 -8.53 -4.14
N THR A 186 -13.84 -7.76 -3.07
CA THR A 186 -15.14 -7.66 -2.40
C THR A 186 -15.47 -6.22 -1.98
N PRO A 187 -15.94 -5.38 -2.94
CA PRO A 187 -16.45 -4.06 -2.59
C PRO A 187 -17.74 -4.09 -1.78
N VAL A 188 -17.85 -3.14 -0.85
CA VAL A 188 -19.00 -3.03 0.04
C VAL A 188 -19.85 -1.83 -0.41
N PHE A 189 -21.16 -2.05 -0.50
CA PHE A 189 -22.09 -1.01 -0.90
C PHE A 189 -23.04 -0.70 0.25
N MSE A 190 -23.30 0.58 0.48
CA MSE A 190 -24.14 0.97 1.62
C MSE A 190 -25.18 2.04 1.31
O MSE A 190 -24.94 2.92 0.48
CB MSE A 190 -23.28 1.41 2.79
CG MSE A 190 -22.12 0.48 3.05
SE MSE A 190 -21.36 0.73 4.77
CE MSE A 190 -22.72 -0.14 5.86
N HIS A 191 -26.31 1.98 2.01
CA HIS A 191 -27.44 2.87 1.76
C HIS A 191 -28.05 3.36 3.07
N CYS A 192 -28.89 4.39 2.99
CA CYS A 192 -29.56 4.93 4.18
C CYS A 192 -30.98 5.40 3.90
N ASN A 193 -31.45 5.17 2.68
CA ASN A 193 -32.77 5.61 2.24
C ASN A 193 -33.10 4.79 1.00
N ASP A 194 -34.11 5.22 0.24
CA ASP A 194 -34.56 4.48 -0.94
C ASP A 194 -33.53 4.33 -2.06
N ARG A 195 -32.52 5.21 -2.12
CA ARG A 195 -31.47 5.10 -3.13
C ARG A 195 -30.68 3.83 -2.88
N HIS A 196 -30.46 3.02 -3.94
CA HIS A 196 -29.87 1.69 -3.79
C HIS A 196 -28.69 1.69 -2.84
N HIS A 197 -27.75 2.58 -3.11
CA HIS A 197 -26.68 2.86 -2.18
C HIS A 197 -26.30 4.32 -2.34
N SER A 198 -25.75 4.88 -1.26
CA SER A 198 -25.25 6.24 -1.21
C SER A 198 -23.73 6.25 -1.25
N LEU A 199 -23.12 5.10 -0.99
CA LEU A 199 -21.72 5.00 -0.65
C LEU A 199 -21.15 3.60 -0.90
N ALA A 200 -20.05 3.53 -1.62
CA ALA A 200 -19.37 2.24 -1.82
C ALA A 200 -17.87 2.38 -1.58
N PHE A 201 -17.23 1.28 -1.16
CA PHE A 201 -15.76 1.25 -1.00
C PHE A 201 -15.16 -0.18 -1.08
N GLY A 202 -13.84 -0.25 -1.20
CA GLY A 202 -13.14 -1.52 -1.31
C GLY A 202 -13.03 -1.96 -2.75
N VAL A 203 -12.64 -1.02 -3.61
CA VAL A 203 -12.60 -1.24 -5.06
C VAL A 203 -11.16 -1.35 -5.61
N GLY A 204 -10.20 -1.59 -4.72
CA GLY A 204 -8.80 -1.68 -5.14
C GLY A 204 -8.06 -0.38 -4.91
N PRO A 205 -6.92 -0.19 -5.63
CA PRO A 205 -6.06 1.00 -5.43
C PRO A 205 -6.64 2.29 -6.05
N MSE A 206 -6.51 3.40 -5.34
CA MSE A 206 -7.12 4.67 -5.76
C MSE A 206 -6.21 5.90 -5.81
O MSE A 206 -5.47 6.19 -4.87
CB MSE A 206 -8.35 4.99 -4.92
CG MSE A 206 -9.60 4.28 -5.40
SE MSE A 206 -11.14 4.56 -4.24
CE MSE A 206 -11.41 6.46 -4.60
N ASP A 207 -6.34 6.63 -6.90
CA ASP A 207 -5.52 7.83 -7.15
C ASP A 207 -5.97 9.05 -6.34
N LYS A 208 -7.28 9.20 -6.17
CA LYS A 208 -7.82 10.29 -5.37
C LYS A 208 -8.69 9.75 -4.24
N ARG A 209 -9.20 10.66 -3.41
CA ARG A 209 -10.13 10.31 -2.33
C ARG A 209 -11.45 9.75 -2.88
N ILE A 210 -11.81 10.19 -4.09
CA ILE A 210 -13.09 9.82 -4.71
C ILE A 210 -12.86 9.27 -6.13
N ASN A 211 -13.55 8.17 -6.47
CA ASN A 211 -13.37 7.45 -7.74
C ASN A 211 -14.40 7.90 -8.72
N HIS A 212 -15.63 7.99 -8.23
CA HIS A 212 -16.72 8.50 -9.04
C HIS A 212 -17.91 8.97 -8.21
N LEU A 213 -18.75 9.77 -8.87
CA LEU A 213 -20.03 10.19 -8.34
C LEU A 213 -21.09 9.86 -9.40
N MSE A 214 -22.13 9.14 -9.01
CA MSE A 214 -23.23 8.94 -9.92
C MSE A 214 -24.31 9.96 -9.58
O MSE A 214 -24.55 10.25 -8.41
CB MSE A 214 -23.75 7.51 -9.87
CG MSE A 214 -24.96 7.27 -9.01
SE MSE A 214 -26.66 7.57 -9.86
CE MSE A 214 -27.78 6.47 -8.69
N ILE A 215 -24.91 10.53 -10.60
CA ILE A 215 -26.03 11.46 -10.43
C ILE A 215 -27.17 10.93 -11.30
N GLU A 216 -28.40 11.13 -10.87
CA GLU A 216 -29.51 10.45 -11.50
C GLU A 216 -30.56 11.39 -12.08
N TYR A 217 -30.86 11.19 -13.35
CA TYR A 217 -31.96 11.87 -14.04
C TYR A 217 -33.27 11.13 -13.82
N THR A 218 -34.36 11.89 -13.68
CA THR A 218 -35.70 11.32 -13.65
C THR A 218 -36.10 10.83 -15.05
N HIS A 219 -35.70 11.57 -16.08
CA HIS A 219 -36.10 11.29 -17.47
C HIS A 219 -34.91 10.76 -18.31
N LEU A 220 -35.15 9.66 -19.00
CA LEU A 220 -34.13 8.97 -19.81
C LEU A 220 -33.53 9.91 -20.85
N ASP A 221 -34.39 10.77 -21.40
CA ASP A 221 -34.04 11.67 -22.48
C ASP A 221 -32.92 12.62 -22.06
N ASP A 222 -32.92 13.02 -20.79
CA ASP A 222 -31.83 13.81 -20.22
C ASP A 222 -30.49 13.06 -20.18
N LEU A 223 -30.54 11.76 -19.92
CA LEU A 223 -29.33 10.93 -19.97
C LEU A 223 -28.81 10.88 -21.41
N GLY A 224 -29.72 10.75 -22.36
CA GLY A 224 -29.37 10.73 -23.77
C GLY A 224 -28.77 12.04 -24.25
N TYR A 225 -29.31 13.14 -23.75
CA TYR A 225 -28.87 14.50 -24.07
C TYR A 225 -27.43 14.77 -23.59
N ALA A 226 -27.12 14.29 -22.38
CA ALA A 226 -25.77 14.41 -21.84
C ALA A 226 -24.78 13.57 -22.66
N HIS A 227 -25.21 12.36 -23.00
CA HIS A 227 -24.43 11.41 -23.78
C HIS A 227 -24.04 11.95 -25.14
N ASP A 228 -25.01 12.56 -25.83
CA ASP A 228 -24.75 13.17 -27.14
C ASP A 228 -23.74 14.31 -27.01
N LEU A 229 -23.91 15.15 -25.99
CA LEU A 229 -22.98 16.25 -25.73
C LEU A 229 -21.58 15.75 -25.38
N VAL A 230 -21.52 14.77 -24.49
CA VAL A 230 -20.23 14.18 -24.11
C VAL A 230 -19.49 13.64 -25.33
N ARG A 231 -20.19 12.87 -26.17
CA ARG A 231 -19.61 12.33 -27.43
C ARG A 231 -19.11 13.43 -28.36
N GLN A 232 -19.93 14.44 -28.58
CA GLN A 232 -19.58 15.58 -29.42
C GLN A 232 -18.42 16.38 -28.85
N GLN A 233 -18.43 16.58 -27.52
CA GLN A 233 -17.34 17.30 -26.84
C GLN A 233 -16.10 16.41 -26.75
N LYS A 234 -16.26 15.15 -27.18
CA LYS A 234 -15.17 14.15 -27.23
C LYS A 234 -14.50 13.84 -25.88
N ILE A 235 -15.20 14.15 -24.78
CA ILE A 235 -14.77 13.82 -23.41
C ILE A 235 -14.62 12.30 -23.28
N ASP A 236 -13.63 11.86 -22.48
CA ASP A 236 -13.31 10.44 -22.32
C ASP A 236 -14.33 9.70 -21.45
N VAL A 237 -14.93 8.66 -22.02
CA VAL A 237 -15.85 7.78 -21.31
C VAL A 237 -15.13 6.45 -21.01
N THR A 238 -15.00 6.11 -19.73
CA THR A 238 -14.29 4.90 -19.33
C THR A 238 -15.12 3.63 -19.54
N LEU A 239 -16.39 3.66 -19.17
CA LEU A 239 -17.30 2.53 -19.38
C LEU A 239 -18.53 2.92 -20.21
N GLN A 240 -18.75 2.20 -21.32
CA GLN A 240 -19.88 2.46 -22.20
C GLN A 240 -21.24 2.32 -21.48
N ILE A 241 -22.30 2.80 -22.13
CA ILE A 241 -23.67 2.59 -21.65
C ILE A 241 -23.84 1.15 -21.16
N GLY A 242 -24.56 0.99 -20.06
CA GLY A 242 -24.73 -0.31 -19.43
C GLY A 242 -25.43 -0.28 -18.09
N LYS A 243 -25.46 -1.44 -17.43
CA LYS A 243 -26.23 -1.64 -16.21
C LYS A 243 -25.56 -2.61 -15.22
N HIS A 244 -25.35 -2.14 -13.99
CA HIS A 244 -24.82 -2.99 -12.90
C HIS A 244 -25.90 -3.92 -12.33
N SER A 245 -25.49 -5.10 -11.86
CA SER A 245 -26.40 -6.07 -11.25
C SER A 245 -27.07 -5.54 -9.97
N ASN A 246 -26.34 -4.79 -9.17
CA ASN A 246 -26.87 -4.37 -7.87
C ASN A 246 -27.93 -3.28 -7.94
N ASP A 247 -27.60 -2.15 -8.54
CA ASP A 247 -28.54 -1.03 -8.62
C ASP A 247 -29.48 -1.13 -9.82
N GLU A 248 -29.12 -1.95 -10.79
CA GLU A 248 -29.88 -2.10 -12.06
C GLU A 248 -30.22 -0.78 -12.76
N ALA A 249 -29.31 0.20 -12.65
CA ALA A 249 -29.46 1.53 -13.24
C ALA A 249 -28.85 1.59 -14.62
N LEU A 250 -29.43 2.37 -15.51
CA LEU A 250 -28.82 2.65 -16.83
C LEU A 250 -27.85 3.84 -16.77
N THR A 251 -26.56 3.58 -16.99
CA THR A 251 -25.50 4.58 -16.77
C THR A 251 -24.31 4.52 -17.74
N PHE A 252 -23.60 5.66 -17.85
CA PHE A 252 -22.26 5.72 -18.45
C PHE A 252 -21.27 6.50 -17.59
N TYR A 253 -19.99 6.12 -17.66
CA TYR A 253 -18.94 6.66 -16.79
C TYR A 253 -17.99 7.57 -17.57
N CYS A 254 -18.01 8.89 -17.29
CA CYS A 254 -17.17 9.87 -18.00
C CYS A 254 -16.29 10.77 -17.13
N ALA A 255 -15.19 11.26 -17.70
CA ALA A 255 -14.19 12.03 -16.96
C ALA A 255 -14.60 13.48 -16.70
N ASN A 256 -14.57 13.89 -15.45
CA ASN A 256 -14.88 15.28 -15.12
C ASN A 256 -13.63 16.17 -15.24
N PRO A 257 -13.77 17.48 -15.05
CA PRO A 257 -12.56 18.29 -15.22
C PRO A 257 -11.49 18.11 -14.16
N SER A 258 -11.77 17.36 -13.09
CA SER A 258 -10.77 17.12 -12.04
C SER A 258 -10.03 15.80 -12.22
N GLY A 259 -10.40 15.05 -13.23
CA GLY A 259 -9.67 13.84 -13.59
C GLY A 259 -10.17 12.59 -12.90
N TRP A 260 -11.34 12.69 -12.28
CA TRP A 260 -12.05 11.50 -11.85
C TRP A 260 -13.35 11.42 -12.65
N LEU A 261 -14.20 10.45 -12.33
CA LEU A 261 -15.34 10.13 -13.19
C LEU A 261 -16.65 10.54 -12.57
N TRP A 262 -17.52 11.09 -13.41
CA TRP A 262 -18.93 11.19 -13.07
C TRP A 262 -19.69 10.08 -13.80
N GLU A 263 -20.81 9.65 -13.23
CA GLU A 263 -21.61 8.57 -13.80
C GLU A 263 -23.07 9.00 -13.91
N PRO A 264 -23.43 9.85 -14.90
CA PRO A 264 -24.86 10.19 -14.99
C PRO A 264 -25.68 8.95 -15.31
N GLY A 265 -26.86 8.86 -14.72
CA GLY A 265 -27.68 7.66 -14.87
C GLY A 265 -29.18 7.87 -14.92
N TRP A 266 -29.90 6.76 -15.09
CA TRP A 266 -31.36 6.76 -15.09
C TRP A 266 -31.91 5.41 -14.58
N GLY A 267 -33.03 5.48 -13.87
CA GLY A 267 -33.84 4.29 -13.53
C GLY A 267 -33.23 3.35 -12.51
N SER A 268 -32.63 3.90 -11.46
CA SER A 268 -32.02 3.10 -10.40
C SER A 268 -33.11 2.48 -9.54
N ARG A 269 -32.88 1.26 -9.06
CA ARG A 269 -33.86 0.58 -8.20
C ARG A 269 -33.54 0.79 -6.72
N PRO A 270 -34.52 0.59 -5.83
CA PRO A 270 -34.15 0.63 -4.40
C PRO A 270 -33.25 -0.56 -4.03
N ALA A 271 -32.62 -0.53 -2.86
CA ALA A 271 -31.76 -1.64 -2.44
C ALA A 271 -32.63 -2.78 -1.91
N PRO A 272 -32.32 -4.03 -2.30
CA PRO A 272 -33.12 -5.13 -1.79
C PRO A 272 -33.25 -4.96 -0.29
N ALA A 273 -34.40 -5.34 0.26
CA ALA A 273 -34.58 -5.36 1.70
C ALA A 273 -33.49 -6.20 2.38
N GLN A 274 -32.94 -7.18 1.66
CA GLN A 274 -31.91 -8.06 2.20
C GLN A 274 -30.71 -8.20 1.28
N GLN A 275 -29.53 -8.29 1.89
CA GLN A 275 -28.27 -8.43 1.15
C GLN A 275 -28.28 -9.59 0.17
N GLU A 276 -27.74 -9.30 -0.99
CA GLU A 276 -27.47 -10.26 -2.05
C GLU A 276 -26.04 -10.01 -2.49
N HIS A 277 -25.44 -10.98 -3.18
CA HIS A 277 -24.21 -10.71 -3.92
C HIS A 277 -24.22 -11.28 -5.35
N TYR A 278 -23.31 -10.77 -6.18
CA TYR A 278 -23.28 -11.04 -7.61
C TYR A 278 -21.86 -11.34 -8.08
N LEU A 279 -21.74 -12.00 -9.23
CA LEU A 279 -20.43 -12.30 -9.84
C LEU A 279 -20.11 -11.41 -11.05
N ARG A 280 -21.13 -10.77 -11.62
CA ARG A 280 -20.93 -9.81 -12.73
C ARG A 280 -22.10 -8.82 -12.88
N ASP A 281 -21.90 -7.78 -13.71
CA ASP A 281 -22.97 -6.82 -14.03
C ASP A 281 -23.96 -7.41 -15.05
N ILE A 282 -25.07 -6.70 -15.29
CA ILE A 282 -26.15 -7.19 -16.15
C ILE A 282 -25.79 -7.11 -17.64
N PHE A 283 -25.51 -5.90 -18.12
CA PHE A 283 -25.13 -5.70 -19.52
C PHE A 283 -24.27 -4.45 -19.70
N GLY A 284 -23.54 -4.41 -20.81
CA GLY A 284 -22.74 -3.25 -21.17
C GLY A 284 -21.64 -2.93 -20.18
N HIS A 285 -21.47 -1.64 -19.91
CA HIS A 285 -20.41 -1.10 -19.05
C HIS A 285 -18.99 -1.44 -19.54
N ASP A 286 -18.88 -1.76 -20.83
CA ASP A 286 -17.62 -2.18 -21.43
C ASP A 286 -16.55 -1.10 -21.49
N ASN A 287 -15.29 -1.56 -21.54
CA ASN A 287 -14.10 -0.71 -21.52
C ASN A 287 -13.87 0.03 -22.83
N GLU A 288 -13.72 1.34 -22.76
CA GLU A 288 -13.41 2.15 -23.94
C GLU A 288 -11.97 2.68 -23.88
N MSE B 1 -67.53 -0.63 -41.66
CA MSE B 1 -66.64 0.22 -40.82
C MSE B 1 -65.61 -0.59 -40.03
O MSE B 1 -64.97 -0.08 -39.08
CB MSE B 1 -67.47 1.09 -39.88
CG MSE B 1 -68.23 0.32 -38.84
SE MSE B 1 -68.76 1.51 -37.40
CE MSE B 1 -69.26 0.16 -36.05
N ALA B 2 -65.45 -1.87 -40.38
CA ALA B 2 -64.39 -2.70 -39.81
C ALA B 2 -63.04 -2.22 -40.31
N LYS B 3 -62.04 -2.35 -39.45
CA LYS B 3 -60.68 -1.94 -39.74
C LYS B 3 -59.78 -3.09 -39.33
N VAL B 4 -58.57 -3.16 -39.87
CA VAL B 4 -57.55 -4.08 -39.36
C VAL B 4 -57.12 -3.60 -37.96
N THR B 5 -56.78 -4.54 -37.09
CA THR B 5 -56.55 -4.24 -35.68
C THR B 5 -55.09 -4.40 -35.27
N GLU B 6 -54.33 -5.17 -36.05
CA GLU B 6 -52.92 -5.40 -35.72
C GLU B 6 -52.19 -5.97 -36.91
N LEU B 7 -50.89 -5.73 -36.95
CA LEU B 7 -50.00 -6.46 -37.84
C LEU B 7 -49.83 -7.83 -37.21
N GLY B 8 -50.47 -8.85 -37.79
CA GLY B 8 -50.51 -10.19 -37.20
C GLY B 8 -49.33 -11.11 -37.48
N TYR B 9 -48.86 -11.16 -38.73
CA TYR B 9 -47.71 -12.02 -39.11
C TYR B 9 -46.94 -11.58 -40.36
N LEU B 10 -45.70 -12.03 -40.47
CA LEU B 10 -44.91 -11.84 -41.68
C LEU B 10 -44.47 -13.19 -42.23
N GLY B 11 -44.38 -13.29 -43.56
CA GLY B 11 -43.74 -14.43 -44.20
C GLY B 11 -42.45 -13.94 -44.81
N LEU B 12 -41.36 -14.64 -44.51
CA LEU B 12 -40.04 -14.27 -45.00
C LEU B 12 -39.45 -15.37 -45.86
N SER B 13 -38.99 -14.97 -47.05
CA SER B 13 -38.13 -15.81 -47.88
C SER B 13 -36.71 -15.68 -47.39
N VAL B 14 -36.13 -16.79 -46.94
CA VAL B 14 -34.73 -16.81 -46.45
C VAL B 14 -33.92 -17.86 -47.19
N SER B 15 -32.60 -17.70 -47.21
CA SER B 15 -31.70 -18.63 -47.89
C SER B 15 -30.95 -19.56 -46.92
N ASN B 16 -30.92 -19.19 -45.65
CA ASN B 16 -30.16 -19.94 -44.65
C ASN B 16 -30.92 -20.08 -43.33
N LEU B 17 -31.65 -21.19 -43.20
CA LEU B 17 -32.47 -21.44 -42.01
C LEU B 17 -31.67 -21.50 -40.70
N ASP B 18 -30.54 -22.19 -40.74
CA ASP B 18 -29.64 -22.32 -39.58
C ASP B 18 -29.19 -20.96 -39.03
N ALA B 19 -28.78 -20.06 -39.92
CA ALA B 19 -28.36 -18.71 -39.50
C ALA B 19 -29.52 -17.93 -38.84
N TRP B 20 -30.72 -18.08 -39.37
CA TRP B 20 -31.88 -17.39 -38.81
C TRP B 20 -32.28 -17.92 -37.43
N ARG B 21 -32.11 -19.23 -37.21
CA ARG B 21 -32.37 -19.83 -35.91
C ARG B 21 -31.39 -19.32 -34.85
N ASP B 22 -30.11 -19.26 -35.21
CA ASP B 22 -29.09 -18.67 -34.33
C ASP B 22 -29.41 -17.21 -34.01
N TYR B 23 -29.88 -16.50 -35.04
CA TYR B 23 -30.13 -15.08 -34.94
C TYR B 23 -31.40 -14.74 -34.16
N ALA B 24 -32.52 -15.13 -34.73
CA ALA B 24 -33.82 -14.85 -34.20
C ALA B 24 -34.11 -15.48 -32.87
N ALA B 25 -33.66 -16.69 -32.70
CA ALA B 25 -33.86 -17.38 -31.48
C ALA B 25 -32.73 -17.27 -30.49
N GLY B 26 -31.55 -17.67 -30.90
CA GLY B 26 -30.33 -17.54 -30.09
C GLY B 26 -29.97 -16.14 -29.60
N ILE B 27 -30.40 -15.10 -30.31
CA ILE B 27 -30.13 -13.71 -29.87
C ILE B 27 -31.38 -12.95 -29.37
N MSE B 28 -32.43 -12.88 -30.19
CA MSE B 28 -33.59 -12.06 -29.84
C MSE B 28 -34.48 -12.77 -28.82
O MSE B 28 -35.22 -12.13 -28.06
CB MSE B 28 -34.37 -11.66 -31.10
CG MSE B 28 -33.56 -10.96 -32.18
SE MSE B 28 -32.58 -9.40 -31.55
CE MSE B 28 -31.65 -8.88 -33.18
N GLY B 29 -34.39 -14.09 -28.78
CA GLY B 29 -35.14 -14.87 -27.82
C GLY B 29 -36.43 -15.48 -28.36
N MSE B 30 -36.67 -15.37 -29.67
CA MSE B 30 -37.86 -16.01 -30.26
C MSE B 30 -37.78 -17.53 -30.13
O MSE B 30 -36.71 -18.10 -29.97
CB MSE B 30 -38.05 -15.57 -31.72
CG MSE B 30 -38.45 -14.11 -31.87
SE MSE B 30 -38.80 -13.60 -33.71
CE MSE B 30 -38.99 -11.69 -33.46
N GLN B 31 -38.93 -18.18 -30.19
CA GLN B 31 -38.97 -19.64 -30.14
C GLN B 31 -39.14 -20.17 -31.55
N VAL B 32 -38.36 -21.19 -31.91
CA VAL B 32 -38.46 -21.87 -33.20
C VAL B 32 -39.53 -22.95 -33.14
N VAL B 33 -40.42 -22.93 -34.13
CA VAL B 33 -41.43 -23.95 -34.25
C VAL B 33 -41.15 -24.68 -35.55
N ASP B 34 -40.86 -25.98 -35.45
CA ASP B 34 -40.69 -26.83 -36.62
C ASP B 34 -41.82 -27.84 -36.58
N ASP B 35 -42.76 -27.72 -37.53
CA ASP B 35 -43.89 -28.66 -37.65
C ASP B 35 -43.65 -29.79 -38.67
N GLY B 36 -42.39 -30.06 -39.00
CA GLY B 36 -42.03 -31.18 -39.88
C GLY B 36 -42.28 -30.93 -41.36
N GLU B 37 -42.53 -29.68 -41.70
CA GLU B 37 -42.62 -29.27 -43.09
C GLU B 37 -41.24 -29.19 -43.72
N ASP B 38 -41.19 -29.53 -44.99
CA ASP B 38 -39.93 -29.65 -45.72
C ASP B 38 -39.35 -28.30 -46.14
N ASP B 39 -40.20 -27.28 -46.23
CA ASP B 39 -39.81 -26.03 -46.88
C ASP B 39 -39.85 -24.80 -45.97
N ARG B 40 -40.22 -24.98 -44.71
CA ARG B 40 -40.44 -23.84 -43.82
C ARG B 40 -40.38 -24.20 -42.34
N ILE B 41 -40.03 -23.21 -41.53
CA ILE B 41 -40.12 -23.27 -40.07
C ILE B 41 -40.78 -21.97 -39.56
N TYR B 42 -41.09 -21.91 -38.27
CA TYR B 42 -41.78 -20.76 -37.70
C TYR B 42 -41.00 -20.09 -36.55
N LEU B 43 -41.27 -18.80 -36.34
CA LEU B 43 -40.74 -18.08 -35.20
C LEU B 43 -41.89 -17.61 -34.34
N ARG B 44 -41.87 -18.02 -33.07
CA ARG B 44 -42.90 -17.73 -32.08
C ARG B 44 -42.44 -16.67 -31.05
N MSE B 45 -43.34 -15.73 -30.74
CA MSE B 45 -43.03 -14.60 -29.86
C MSE B 45 -43.98 -14.45 -28.68
O MSE B 45 -43.70 -13.67 -27.76
CB MSE B 45 -43.12 -13.29 -30.65
CG MSE B 45 -42.01 -13.02 -31.61
SE MSE B 45 -42.50 -11.45 -32.65
CE MSE B 45 -42.46 -10.11 -31.21
N ASP B 46 -45.11 -15.13 -28.74
CA ASP B 46 -46.13 -15.10 -27.70
C ASP B 46 -47.00 -16.35 -27.87
N ARG B 47 -48.24 -16.31 -27.34
CA ARG B 47 -49.17 -17.44 -27.38
C ARG B 47 -49.51 -17.97 -28.78
N TRP B 48 -49.36 -17.13 -29.81
CA TRP B 48 -49.73 -17.53 -31.16
C TRP B 48 -48.80 -18.67 -31.57
N HIS B 49 -49.36 -19.60 -32.33
CA HIS B 49 -48.53 -20.61 -32.96
C HIS B 49 -47.25 -19.97 -33.54
N HIS B 50 -47.37 -18.80 -34.17
CA HIS B 50 -46.21 -18.09 -34.74
C HIS B 50 -46.57 -16.64 -35.04
N ARG B 51 -45.56 -15.80 -35.20
CA ARG B 51 -45.71 -14.47 -35.75
C ARG B 51 -44.90 -14.32 -37.03
N ILE B 52 -43.89 -15.18 -37.23
CA ILE B 52 -43.09 -15.13 -38.45
C ILE B 52 -42.86 -16.53 -39.06
N VAL B 53 -43.07 -16.63 -40.37
CA VAL B 53 -42.85 -17.84 -41.15
C VAL B 53 -41.61 -17.69 -42.02
N LEU B 54 -40.65 -18.58 -41.83
CA LEU B 54 -39.42 -18.58 -42.62
C LEU B 54 -39.52 -19.66 -43.69
N HIS B 55 -39.85 -19.24 -44.91
CA HIS B 55 -39.83 -20.10 -46.08
C HIS B 55 -38.40 -20.17 -46.59
N ALA B 56 -37.83 -21.38 -46.61
CA ALA B 56 -36.48 -21.55 -47.16
C ALA B 56 -36.53 -21.78 -48.67
N ASP B 57 -37.00 -20.77 -49.40
CA ASP B 57 -37.12 -20.81 -50.85
C ASP B 57 -35.85 -20.36 -51.57
N GLY B 58 -34.92 -19.76 -50.83
CA GLY B 58 -33.65 -19.35 -51.41
C GLY B 58 -33.51 -17.87 -51.70
N SER B 59 -34.61 -17.12 -51.64
CA SER B 59 -34.58 -15.68 -51.78
C SER B 59 -34.32 -15.07 -50.40
N ASP B 60 -34.02 -13.78 -50.33
CA ASP B 60 -33.75 -13.14 -49.04
C ASP B 60 -34.54 -11.85 -48.84
N ASP B 61 -35.87 -11.97 -48.83
CA ASP B 61 -36.76 -10.80 -48.84
C ASP B 61 -38.09 -11.10 -48.13
N LEU B 62 -39.02 -10.14 -48.22
CA LEU B 62 -40.36 -10.25 -47.64
C LEU B 62 -41.27 -11.02 -48.56
N ALA B 63 -41.89 -12.09 -48.05
CA ALA B 63 -42.86 -12.87 -48.82
C ALA B 63 -44.31 -12.35 -48.72
N TYR B 64 -44.81 -12.02 -47.52
CA TYR B 64 -46.17 -11.50 -47.36
C TYR B 64 -46.42 -10.86 -46.00
N ILE B 65 -47.39 -9.96 -45.95
CA ILE B 65 -47.72 -9.23 -44.72
C ILE B 65 -49.14 -9.60 -44.34
N GLY B 66 -49.37 -10.07 -43.12
CA GLY B 66 -50.72 -10.46 -42.68
C GLY B 66 -51.33 -9.56 -41.62
N TRP B 67 -52.48 -8.95 -41.96
CA TRP B 67 -53.20 -8.03 -41.08
C TRP B 67 -54.45 -8.71 -40.54
N ARG B 68 -54.73 -8.50 -39.25
CA ARG B 68 -55.81 -9.15 -38.55
C ARG B 68 -57.07 -8.28 -38.54
N VAL B 69 -58.24 -8.91 -38.65
CA VAL B 69 -59.50 -8.24 -38.32
C VAL B 69 -60.14 -9.11 -37.25
N ALA B 70 -61.22 -8.61 -36.65
CA ALA B 70 -61.76 -9.20 -35.43
C ALA B 70 -62.46 -10.54 -35.64
N GLY B 71 -63.18 -10.68 -36.74
CA GLY B 71 -63.86 -11.94 -37.04
C GLY B 71 -64.33 -12.00 -38.48
N PRO B 72 -65.12 -13.04 -38.81
CA PRO B 72 -65.61 -13.30 -40.17
C PRO B 72 -66.38 -12.13 -40.76
N VAL B 73 -67.24 -11.52 -39.97
CA VAL B 73 -68.11 -10.45 -40.46
C VAL B 73 -67.26 -9.21 -40.81
N GLU B 74 -66.23 -8.97 -40.00
CA GLU B 74 -65.26 -7.92 -40.27
C GLU B 74 -64.47 -8.15 -41.59
N LEU B 75 -64.05 -9.38 -41.83
CA LEU B 75 -63.34 -9.71 -43.06
C LEU B 75 -64.24 -9.47 -44.27
N ASP B 76 -65.49 -9.91 -44.18
CA ASP B 76 -66.46 -9.72 -45.25
C ASP B 76 -66.69 -8.23 -45.51
N GLU B 77 -66.89 -7.45 -44.44
CA GLU B 77 -67.09 -6.01 -44.54
C GLU B 77 -65.92 -5.32 -45.21
N LEU B 78 -64.70 -5.72 -44.85
CA LEU B 78 -63.52 -5.09 -45.39
C LEU B 78 -63.31 -5.46 -46.85
N ALA B 79 -63.71 -6.68 -47.21
CA ALA B 79 -63.65 -7.15 -48.59
C ALA B 79 -64.66 -6.39 -49.44
N GLU B 80 -65.79 -6.04 -48.85
CA GLU B 80 -66.79 -5.21 -49.52
C GLU B 80 -66.19 -3.85 -49.87
N GLN B 81 -65.43 -3.30 -48.93
CA GLN B 81 -64.74 -2.03 -49.14
C GLN B 81 -63.66 -2.12 -50.22
N LEU B 82 -62.97 -3.26 -50.31
CA LEU B 82 -61.94 -3.46 -51.34
C LEU B 82 -62.59 -3.50 -52.72
N LYS B 83 -63.70 -4.23 -52.80
CA LYS B 83 -64.49 -4.31 -54.01
C LYS B 83 -64.96 -2.93 -54.49
N ASN B 84 -65.54 -2.15 -53.57
CA ASN B 84 -66.10 -0.84 -53.92
C ASN B 84 -65.03 0.08 -54.47
N ALA B 85 -63.81 -0.10 -53.97
CA ALA B 85 -62.68 0.72 -54.34
C ALA B 85 -62.00 0.22 -55.61
N GLY B 86 -62.37 -0.98 -56.06
CA GLY B 86 -61.86 -1.55 -57.31
C GLY B 86 -60.54 -2.30 -57.14
N ILE B 87 -60.19 -2.59 -55.88
CA ILE B 87 -58.97 -3.31 -55.58
C ILE B 87 -59.26 -4.81 -55.69
N PRO B 88 -58.52 -5.50 -56.57
CA PRO B 88 -58.79 -6.93 -56.70
C PRO B 88 -58.18 -7.72 -55.55
N PHE B 89 -58.85 -8.81 -55.20
CA PHE B 89 -58.41 -9.68 -54.12
C PHE B 89 -59.00 -11.05 -54.37
N GLU B 90 -58.51 -12.06 -53.65
CA GLU B 90 -59.21 -13.32 -53.66
C GLU B 90 -59.52 -13.83 -52.25
N VAL B 91 -60.71 -14.38 -52.08
CA VAL B 91 -61.04 -15.13 -50.88
C VAL B 91 -60.26 -16.43 -50.98
N ALA B 92 -59.36 -16.66 -50.03
CA ALA B 92 -58.60 -17.90 -50.06
C ALA B 92 -59.48 -19.09 -49.58
N SER B 93 -59.10 -20.30 -49.98
CA SER B 93 -59.83 -21.50 -49.58
C SER B 93 -59.49 -21.83 -48.13
N ASP B 94 -60.27 -22.72 -47.51
CA ASP B 94 -59.98 -23.18 -46.13
C ASP B 94 -58.59 -23.81 -46.00
N ALA B 95 -58.08 -24.44 -47.06
CA ALA B 95 -56.74 -25.03 -47.01
C ALA B 95 -55.64 -23.96 -47.07
N ASP B 96 -55.89 -22.89 -47.83
CA ASP B 96 -54.96 -21.76 -47.88
C ASP B 96 -54.95 -21.06 -46.52
N ALA B 97 -56.13 -21.03 -45.89
CA ALA B 97 -56.27 -20.55 -44.53
C ALA B 97 -55.53 -21.45 -43.55
N ALA B 98 -55.71 -22.76 -43.69
CA ALA B 98 -55.00 -23.74 -42.86
C ALA B 98 -53.49 -23.64 -42.96
N GLU B 99 -52.98 -23.37 -44.16
CA GLU B 99 -51.54 -23.10 -44.42
C GLU B 99 -50.98 -21.90 -43.63
N ARG B 100 -51.76 -20.82 -43.51
CA ARG B 100 -51.35 -19.65 -42.72
C ARG B 100 -51.68 -19.80 -41.23
N ARG B 101 -52.30 -20.92 -40.86
CA ARG B 101 -52.79 -21.17 -39.49
C ARG B 101 -53.85 -20.16 -39.07
N VAL B 102 -54.77 -19.84 -39.96
CA VAL B 102 -55.85 -18.89 -39.65
C VAL B 102 -57.16 -19.52 -40.07
N LEU B 103 -58.28 -18.98 -39.61
CA LEU B 103 -59.60 -19.51 -40.01
C LEU B 103 -60.08 -19.02 -41.39
N GLY B 104 -59.76 -17.78 -41.73
CA GLY B 104 -60.20 -17.20 -42.99
C GLY B 104 -59.25 -16.10 -43.38
N LEU B 105 -59.12 -15.85 -44.67
CA LEU B 105 -58.30 -14.74 -45.19
C LEU B 105 -58.61 -14.39 -46.62
N VAL B 106 -58.21 -13.18 -47.00
CA VAL B 106 -58.23 -12.76 -48.37
C VAL B 106 -56.81 -12.30 -48.71
N LYS B 107 -56.39 -12.47 -49.94
CA LYS B 107 -55.08 -12.19 -50.43
C LYS B 107 -55.08 -11.12 -51.49
N LEU B 108 -54.14 -10.24 -51.47
CA LEU B 108 -54.06 -9.09 -52.34
C LEU B 108 -52.65 -8.46 -52.42
N HIS B 109 -52.49 -7.36 -53.11
CA HIS B 109 -51.28 -6.60 -53.12
C HIS B 109 -51.50 -5.18 -52.80
N ASP B 110 -50.59 -4.54 -52.11
CA ASP B 110 -50.70 -3.09 -51.91
C ASP B 110 -50.17 -2.37 -53.15
N PRO B 111 -50.34 -1.04 -53.24
CA PRO B 111 -49.99 -0.38 -54.51
C PRO B 111 -48.53 -0.55 -54.95
N GLY B 112 -47.62 -0.77 -54.01
CA GLY B 112 -46.23 -1.09 -54.31
C GLY B 112 -45.99 -2.53 -54.73
N GLY B 113 -47.06 -3.32 -54.77
CA GLY B 113 -46.96 -4.75 -55.09
C GLY B 113 -46.48 -5.66 -53.98
N ASN B 114 -46.58 -5.24 -52.72
CA ASN B 114 -46.25 -6.13 -51.61
C ASN B 114 -47.42 -7.06 -51.30
N PRO B 115 -47.19 -8.40 -51.32
CA PRO B 115 -48.30 -9.30 -51.03
C PRO B 115 -48.88 -9.01 -49.64
N THR B 116 -50.19 -8.83 -49.58
CA THR B 116 -50.91 -8.41 -48.38
C THR B 116 -52.04 -9.39 -48.09
N GLU B 117 -52.21 -9.74 -46.82
CA GLU B 117 -53.25 -10.67 -46.42
C GLU B 117 -54.02 -10.10 -45.26
N ILE B 118 -55.32 -10.41 -45.20
CA ILE B 118 -56.20 -9.90 -44.18
C ILE B 118 -56.94 -11.13 -43.68
N PHE B 119 -56.81 -11.39 -42.40
CA PHE B 119 -57.26 -12.65 -41.83
C PHE B 119 -57.95 -12.40 -40.51
N TYR B 120 -58.68 -13.41 -40.04
CA TYR B 120 -59.18 -13.47 -38.68
C TYR B 120 -58.94 -14.88 -38.17
N GLY B 121 -58.85 -15.03 -36.86
CA GLY B 121 -58.78 -16.38 -36.26
C GLY B 121 -57.42 -17.07 -36.32
N PRO B 122 -56.35 -16.41 -35.84
CA PRO B 122 -55.04 -17.07 -35.75
C PRO B 122 -55.06 -18.30 -34.85
N GLN B 123 -54.17 -19.23 -35.13
CA GLN B 123 -54.02 -20.39 -34.27
C GLN B 123 -53.28 -19.91 -33.03
N VAL B 124 -53.81 -20.22 -31.89
CA VAL B 124 -53.25 -19.90 -30.64
C VAL B 124 -52.92 -21.19 -29.89
N ASP B 125 -51.67 -21.36 -29.53
CA ASP B 125 -51.26 -22.52 -28.77
C ASP B 125 -51.14 -22.28 -27.25
N THR B 126 -52.24 -22.14 -26.56
CA THR B 126 -52.22 -21.89 -25.12
C THR B 126 -51.72 -23.09 -24.33
N SER B 127 -51.80 -24.29 -24.91
CA SER B 127 -51.33 -25.53 -24.26
C SER B 127 -49.80 -25.67 -24.11
N SER B 128 -49.05 -25.03 -25.00
CA SER B 128 -47.59 -25.11 -24.94
C SER B 128 -47.07 -23.67 -24.83
N PRO B 129 -46.78 -23.21 -23.61
CA PRO B 129 -46.50 -21.79 -23.47
C PRO B 129 -45.23 -21.42 -24.19
N PHE B 130 -45.18 -20.16 -24.63
CA PHE B 130 -44.00 -19.57 -25.18
C PHE B 130 -42.77 -19.95 -24.38
N HIS B 131 -41.76 -20.50 -25.06
CA HIS B 131 -40.47 -20.84 -24.46
C HIS B 131 -39.34 -20.27 -25.32
N PRO B 132 -38.70 -19.18 -24.86
CA PRO B 132 -37.75 -18.47 -25.70
C PRO B 132 -36.46 -19.23 -26.03
N GLY B 133 -35.84 -18.86 -27.17
CA GLY B 133 -34.65 -19.54 -27.68
C GLY B 133 -33.36 -19.14 -26.97
N ARG B 134 -33.48 -18.19 -26.04
CA ARG B 134 -32.43 -17.87 -25.08
C ARG B 134 -33.08 -17.32 -23.79
N PRO B 135 -32.37 -17.36 -22.65
CA PRO B 135 -32.97 -16.88 -21.42
C PRO B 135 -33.46 -15.44 -21.52
N MSE B 136 -34.70 -15.20 -21.09
CA MSE B 136 -35.28 -13.87 -21.14
C MSE B 136 -35.69 -13.35 -19.76
O MSE B 136 -36.21 -14.12 -18.94
CB MSE B 136 -36.49 -13.82 -22.10
CG MSE B 136 -36.13 -13.99 -23.56
SE MSE B 136 -37.63 -13.62 -24.73
CE MSE B 136 -37.92 -11.72 -24.37
N PHE B 137 -35.45 -12.08 -19.52
CA PHE B 137 -35.95 -11.43 -18.32
C PHE B 137 -37.48 -11.31 -18.35
N GLY B 138 -38.04 -11.09 -19.54
CA GLY B 138 -39.46 -10.85 -19.67
C GLY B 138 -40.07 -11.48 -20.90
N LYS B 139 -40.98 -10.74 -21.55
CA LYS B 139 -41.73 -11.26 -22.70
C LYS B 139 -41.53 -10.31 -23.87
N PHE B 140 -42.23 -10.56 -24.98
CA PHE B 140 -42.32 -9.59 -26.07
C PHE B 140 -43.60 -8.77 -25.92
N VAL B 141 -43.58 -7.54 -26.41
CA VAL B 141 -44.80 -6.73 -26.41
C VAL B 141 -45.55 -7.05 -27.71
N THR B 142 -46.66 -7.78 -27.58
CA THR B 142 -47.51 -8.14 -28.72
C THR B 142 -49.02 -8.02 -28.48
N GLU B 143 -49.46 -8.16 -27.22
CA GLU B 143 -50.90 -8.24 -26.91
C GLU B 143 -51.65 -6.99 -27.34
N GLY B 144 -52.55 -7.16 -28.31
CA GLY B 144 -53.33 -6.06 -28.84
C GLY B 144 -52.58 -5.22 -29.86
N GLN B 145 -51.26 -5.39 -29.91
CA GLN B 145 -50.37 -4.47 -30.61
C GLN B 145 -49.66 -5.06 -31.81
N GLY B 146 -50.00 -6.29 -32.17
CA GLY B 146 -49.34 -6.93 -33.30
C GLY B 146 -47.91 -7.30 -32.98
N LEU B 147 -47.18 -7.84 -33.97
CA LEU B 147 -45.86 -8.38 -33.70
C LEU B 147 -44.79 -7.30 -33.53
N GLY B 148 -45.02 -6.15 -34.16
CA GLY B 148 -44.02 -5.08 -34.18
C GLY B 148 -44.33 -4.13 -35.31
N HIS B 149 -43.30 -3.45 -35.82
CA HIS B 149 -43.50 -2.56 -36.97
C HIS B 149 -42.47 -2.80 -38.08
N ILE B 150 -42.87 -2.43 -39.29
CA ILE B 150 -42.08 -2.68 -40.51
C ILE B 150 -42.03 -1.42 -41.34
N ILE B 151 -40.94 -1.25 -42.06
CA ILE B 151 -40.88 -0.23 -43.10
C ILE B 151 -40.76 -0.96 -44.43
N ILE B 152 -41.64 -0.63 -45.35
CA ILE B 152 -41.71 -1.36 -46.61
C ILE B 152 -41.58 -0.42 -47.80
N ARG B 153 -41.34 -1.00 -48.98
CA ARG B 153 -41.17 -0.23 -50.20
C ARG B 153 -42.49 0.28 -50.77
N GLU B 154 -42.53 1.55 -51.13
CA GLU B 154 -43.67 2.11 -51.85
C GLU B 154 -43.17 3.07 -52.93
N ASP B 155 -43.56 2.83 -54.18
CA ASP B 155 -43.18 3.71 -55.29
C ASP B 155 -44.04 4.99 -55.32
N ASP B 156 -45.28 4.89 -54.86
CA ASP B 156 -46.23 6.00 -54.81
C ASP B 156 -46.73 6.12 -53.38
N VAL B 157 -46.20 7.10 -52.66
CA VAL B 157 -46.48 7.26 -51.23
C VAL B 157 -47.95 7.62 -50.98
N GLU B 158 -48.53 8.45 -51.84
CA GLU B 158 -49.92 8.90 -51.66
C GLU B 158 -50.94 7.79 -51.89
N GLU B 159 -50.73 6.98 -52.93
CA GLU B 159 -51.59 5.83 -53.20
C GLU B 159 -51.51 4.79 -52.09
N ALA B 160 -50.31 4.56 -51.58
CA ALA B 160 -50.08 3.58 -50.50
C ALA B 160 -50.82 4.01 -49.23
N THR B 161 -50.71 5.30 -48.93
CA THR B 161 -51.45 5.94 -47.83
C THR B 161 -52.96 5.73 -47.94
N ARG B 162 -53.50 5.90 -49.15
CA ARG B 162 -54.93 5.72 -49.44
C ARG B 162 -55.38 4.28 -49.25
N PHE B 163 -54.56 3.36 -49.73
CA PHE B 163 -54.82 1.93 -49.56
C PHE B 163 -54.85 1.59 -48.08
N TYR B 164 -53.84 2.03 -47.35
CA TYR B 164 -53.75 1.67 -45.93
C TYR B 164 -54.83 2.35 -45.08
N ARG B 165 -55.22 3.57 -45.47
CA ARG B 165 -56.38 4.21 -44.84
C ARG B 165 -57.65 3.39 -45.03
N LEU B 166 -57.86 2.86 -46.23
CA LEU B 166 -59.02 2.00 -46.49
C LEU B 166 -58.99 0.74 -45.63
N LEU B 167 -57.79 0.22 -45.38
CA LEU B 167 -57.62 -0.90 -44.46
C LEU B 167 -57.95 -0.55 -43.01
N GLY B 168 -57.92 0.73 -42.69
CA GLY B 168 -58.34 1.21 -41.38
C GLY B 168 -57.20 1.79 -40.56
N LEU B 169 -56.01 1.78 -41.13
CA LEU B 169 -54.86 2.44 -40.52
C LEU B 169 -54.99 3.96 -40.57
N GLU B 170 -54.24 4.63 -39.69
CA GLU B 170 -54.30 6.08 -39.58
C GLU B 170 -52.91 6.68 -39.44
N GLY B 171 -52.75 7.89 -39.96
CA GLY B 171 -51.45 8.53 -39.87
C GLY B 171 -51.17 9.41 -41.06
N ALA B 172 -49.94 9.92 -41.12
CA ALA B 172 -49.50 10.90 -42.10
C ALA B 172 -47.99 11.05 -42.02
N VAL B 173 -47.45 11.98 -42.82
CA VAL B 173 -46.03 12.31 -42.77
C VAL B 173 -45.66 12.75 -41.36
N GLU B 174 -44.49 12.31 -40.88
CA GLU B 174 -43.98 12.71 -39.57
C GLU B 174 -42.59 13.36 -39.59
N TYR B 175 -41.73 12.94 -40.52
CA TYR B 175 -40.43 13.60 -40.73
C TYR B 175 -40.31 14.06 -42.17
N LYS B 176 -39.41 15.02 -42.40
CA LYS B 176 -38.89 15.27 -43.74
C LYS B 176 -37.36 15.25 -43.69
N PHE B 177 -36.76 14.39 -44.53
CA PHE B 177 -35.29 14.24 -44.60
C PHE B 177 -34.75 14.33 -46.04
N ALA B 178 -33.44 14.55 -46.16
CA ALA B 178 -32.79 14.70 -47.46
C ALA B 178 -32.18 13.40 -47.97
N LEU B 179 -32.67 12.94 -49.12
CA LEU B 179 -32.08 11.79 -49.83
C LEU B 179 -30.90 12.26 -50.69
N PRO B 180 -30.21 11.34 -51.29
CA PRO B 180 -29.12 11.62 -52.20
C PRO B 180 -29.58 12.32 -53.49
N ASN B 181 -28.75 13.19 -53.98
CA ASN B 181 -29.03 13.81 -55.24
C ASN B 181 -30.10 14.83 -55.16
N GLY B 182 -30.50 15.17 -53.95
CA GLY B 182 -31.47 16.20 -53.68
C GLY B 182 -32.90 15.86 -53.52
N ALA B 183 -33.24 14.60 -53.62
CA ALA B 183 -34.62 14.14 -53.39
C ALA B 183 -35.01 14.26 -51.91
N VAL B 184 -36.30 14.49 -51.66
CA VAL B 184 -36.77 14.65 -50.28
C VAL B 184 -37.54 13.41 -49.82
N GLY B 185 -37.20 12.92 -48.64
CA GLY B 185 -37.93 11.84 -48.00
C GLY B 185 -38.98 12.38 -47.04
N THR B 186 -40.23 12.00 -47.25
CA THR B 186 -41.34 12.34 -46.35
C THR B 186 -42.01 11.04 -45.83
N PRO B 187 -41.35 10.34 -44.89
CA PRO B 187 -41.91 9.08 -44.43
C PRO B 187 -43.26 9.22 -43.71
N VAL B 188 -44.16 8.29 -44.02
CA VAL B 188 -45.49 8.22 -43.44
C VAL B 188 -45.54 7.05 -42.45
N PHE B 189 -46.03 7.32 -41.24
CA PHE B 189 -46.11 6.32 -40.18
C PHE B 189 -47.58 6.07 -39.82
N MSE B 190 -47.95 4.81 -39.69
CA MSE B 190 -49.37 4.49 -39.51
C MSE B 190 -49.61 3.46 -38.43
O MSE B 190 -48.82 2.54 -38.24
CB MSE B 190 -50.00 4.04 -40.83
CG MSE B 190 -49.55 4.86 -42.02
SE MSE B 190 -50.65 4.58 -43.53
CE MSE B 190 -52.14 5.73 -43.01
N HIS B 191 -50.73 3.62 -37.73
CA HIS B 191 -51.06 2.74 -36.62
C HIS B 191 -52.47 2.19 -36.77
N CYS B 192 -52.78 1.14 -36.01
CA CYS B 192 -54.12 0.59 -35.98
C CYS B 192 -54.51 0.09 -34.58
N ASN B 193 -53.69 0.43 -33.59
CA ASN B 193 -53.89 0.02 -32.20
C ASN B 193 -52.93 0.85 -31.34
N ASP B 194 -52.66 0.42 -30.11
CA ASP B 194 -51.83 1.20 -29.19
C ASP B 194 -50.32 1.19 -29.50
N ARG B 195 -49.90 0.40 -30.49
CA ARG B 195 -48.51 0.44 -30.97
C ARG B 195 -48.33 1.71 -31.80
N HIS B 196 -47.29 2.49 -31.50
CA HIS B 196 -47.10 3.81 -32.10
C HIS B 196 -47.39 3.80 -33.60
N HIS B 197 -46.69 2.92 -34.30
CA HIS B 197 -47.02 2.59 -35.67
C HIS B 197 -46.76 1.12 -35.92
N SER B 198 -47.56 0.54 -36.80
CA SER B 198 -47.36 -0.83 -37.19
C SER B 198 -46.67 -0.83 -38.53
N LEU B 199 -46.68 0.33 -39.18
CA LEU B 199 -46.28 0.39 -40.57
C LEU B 199 -45.74 1.77 -40.96
N ALA B 200 -44.66 1.76 -41.72
CA ALA B 200 -44.12 2.98 -42.27
C ALA B 200 -43.63 2.77 -43.70
N PHE B 201 -43.59 3.85 -44.47
CA PHE B 201 -43.05 3.84 -45.83
C PHE B 201 -42.69 5.25 -46.26
N GLY B 202 -42.04 5.37 -47.42
CA GLY B 202 -41.65 6.66 -47.95
C GLY B 202 -40.21 7.05 -47.61
N VAL B 203 -39.36 6.06 -47.38
CA VAL B 203 -37.94 6.29 -47.05
C VAL B 203 -37.01 6.32 -48.28
N GLY B 204 -37.58 6.29 -49.48
CA GLY B 204 -36.80 6.32 -50.73
C GLY B 204 -36.76 4.99 -51.49
N PRO B 205 -35.77 4.82 -52.38
CA PRO B 205 -35.64 3.53 -53.07
C PRO B 205 -34.99 2.46 -52.19
N MSE B 206 -35.48 1.23 -52.32
CA MSE B 206 -34.95 0.09 -51.59
C MSE B 206 -34.80 -1.04 -52.59
O MSE B 206 -35.59 -1.13 -53.53
CB MSE B 206 -35.90 -0.35 -50.47
CG MSE B 206 -36.28 0.74 -49.49
SE MSE B 206 -37.91 0.36 -48.46
CE MSE B 206 -38.81 1.99 -48.97
N ASP B 207 -33.80 -1.90 -52.41
CA ASP B 207 -33.63 -3.08 -53.28
C ASP B 207 -34.37 -4.30 -52.75
N LYS B 208 -34.93 -4.19 -51.55
CA LYS B 208 -35.80 -5.22 -51.00
C LYS B 208 -37.16 -4.63 -50.67
N ARG B 209 -38.16 -5.49 -50.54
CA ARG B 209 -39.50 -5.06 -50.20
C ARG B 209 -39.59 -4.48 -48.78
N ILE B 210 -38.71 -4.96 -47.90
CA ILE B 210 -38.71 -4.56 -46.50
C ILE B 210 -37.34 -4.00 -46.07
N ASN B 211 -37.38 -2.89 -45.35
CA ASN B 211 -36.19 -2.17 -44.90
C ASN B 211 -35.82 -2.61 -43.50
N HIS B 212 -36.77 -2.52 -42.57
CA HIS B 212 -36.57 -3.06 -41.22
C HIS B 212 -37.84 -3.59 -40.55
N LEU B 213 -37.62 -4.32 -39.45
CA LEU B 213 -38.68 -4.75 -38.54
C LEU B 213 -38.26 -4.45 -37.10
N MSE B 214 -39.15 -3.78 -36.37
CA MSE B 214 -38.92 -3.42 -34.99
C MSE B 214 -39.62 -4.44 -34.07
O MSE B 214 -40.78 -4.75 -34.28
CB MSE B 214 -39.48 -2.02 -34.76
CG MSE B 214 -39.20 -1.41 -33.40
SE MSE B 214 -40.48 -2.04 -32.10
CE MSE B 214 -39.90 -0.98 -30.55
N ILE B 215 -38.90 -4.96 -33.09
CA ILE B 215 -39.51 -5.87 -32.11
C ILE B 215 -39.25 -5.30 -30.72
N GLU B 216 -40.26 -5.38 -29.88
CA GLU B 216 -40.24 -4.69 -28.60
C GLU B 216 -40.27 -5.67 -27.44
N TYR B 217 -39.32 -5.47 -26.52
CA TYR B 217 -39.25 -6.20 -25.26
C TYR B 217 -40.05 -5.45 -24.18
N THR B 218 -40.63 -6.21 -23.24
CA THR B 218 -41.28 -5.61 -22.07
C THR B 218 -40.25 -5.11 -21.06
N HIS B 219 -39.13 -5.83 -20.99
CA HIS B 219 -38.06 -5.57 -20.02
C HIS B 219 -36.80 -5.04 -20.69
N LEU B 220 -36.30 -3.91 -20.19
CA LEU B 220 -35.09 -3.26 -20.70
C LEU B 220 -33.87 -4.17 -20.71
N ASP B 221 -33.81 -5.07 -19.73
CA ASP B 221 -32.68 -5.95 -19.53
C ASP B 221 -32.51 -6.97 -20.67
N ASP B 222 -33.60 -7.27 -21.39
CA ASP B 222 -33.56 -8.16 -22.55
C ASP B 222 -32.99 -7.43 -23.78
N LEU B 223 -33.21 -6.12 -23.83
CA LEU B 223 -32.61 -5.29 -24.86
C LEU B 223 -31.10 -5.24 -24.66
N GLY B 224 -30.67 -5.11 -23.41
CA GLY B 224 -29.25 -5.17 -23.09
C GLY B 224 -28.63 -6.52 -23.41
N TYR B 225 -29.34 -7.59 -23.08
CA TYR B 225 -28.85 -8.95 -23.34
C TYR B 225 -28.58 -9.11 -24.83
N ALA B 226 -29.55 -8.69 -25.63
CA ALA B 226 -29.47 -8.75 -27.08
C ALA B 226 -28.32 -7.88 -27.57
N HIS B 227 -28.34 -6.60 -27.18
CA HIS B 227 -27.29 -5.66 -27.60
C HIS B 227 -25.90 -6.24 -27.39
N ASP B 228 -25.68 -6.87 -26.24
CA ASP B 228 -24.41 -7.49 -25.87
C ASP B 228 -24.03 -8.66 -26.76
N LEU B 229 -25.01 -9.53 -27.04
CA LEU B 229 -24.79 -10.70 -27.89
C LEU B 229 -24.48 -10.28 -29.33
N VAL B 230 -25.20 -9.27 -29.81
CA VAL B 230 -24.97 -8.71 -31.14
C VAL B 230 -23.55 -8.16 -31.30
N ARG B 231 -23.07 -7.44 -30.27
CA ARG B 231 -21.69 -6.94 -30.23
C ARG B 231 -20.67 -8.07 -30.18
N GLN B 232 -21.00 -9.13 -29.47
CA GLN B 232 -20.14 -10.27 -29.24
C GLN B 232 -19.86 -11.12 -30.47
N GLN B 233 -20.89 -11.25 -31.28
CA GLN B 233 -20.92 -12.03 -32.48
C GLN B 233 -20.53 -11.10 -33.58
N LYS B 234 -20.22 -9.90 -33.20
CA LYS B 234 -19.66 -8.92 -34.10
C LYS B 234 -20.52 -8.47 -35.25
N ILE B 235 -21.82 -8.72 -35.16
CA ILE B 235 -22.84 -8.38 -36.16
C ILE B 235 -23.00 -6.86 -36.31
N ASP B 236 -23.17 -6.40 -37.55
CA ASP B 236 -23.22 -4.97 -37.87
C ASP B 236 -24.38 -4.24 -37.18
N VAL B 237 -24.02 -3.19 -36.44
CA VAL B 237 -24.97 -2.21 -35.93
C VAL B 237 -24.94 -1.00 -36.87
N THR B 238 -26.00 -0.82 -37.64
CA THR B 238 -26.10 0.29 -38.60
C THR B 238 -26.51 1.60 -37.92
N LEU B 239 -27.32 1.51 -36.87
CA LEU B 239 -27.69 2.67 -36.04
C LEU B 239 -27.60 2.35 -34.53
N GLN B 240 -26.76 3.12 -33.81
CA GLN B 240 -26.50 2.94 -32.38
C GLN B 240 -27.76 3.11 -31.50
N ILE B 241 -27.64 2.71 -30.23
CA ILE B 241 -28.70 2.93 -29.24
C ILE B 241 -29.17 4.39 -29.29
N GLY B 242 -30.47 4.60 -29.32
CA GLY B 242 -31.04 5.94 -29.41
C GLY B 242 -32.56 5.99 -29.37
N LYS B 243 -33.10 7.19 -29.59
CA LYS B 243 -34.54 7.44 -29.54
C LYS B 243 -35.02 8.22 -30.76
N HIS B 244 -36.08 7.73 -31.39
CA HIS B 244 -36.79 8.53 -32.36
C HIS B 244 -37.76 9.45 -31.62
N SER B 245 -38.04 10.59 -32.24
CA SER B 245 -38.97 11.57 -31.72
C SER B 245 -40.43 11.10 -31.79
N ASN B 246 -40.74 10.23 -32.75
CA ASN B 246 -42.11 9.78 -32.89
C ASN B 246 -42.53 8.72 -31.86
N ASP B 247 -41.86 7.56 -31.86
CA ASP B 247 -42.18 6.51 -30.89
C ASP B 247 -41.48 6.71 -29.55
N GLU B 248 -40.48 7.59 -29.51
CA GLU B 248 -39.67 7.81 -28.30
C GLU B 248 -39.28 6.47 -27.64
N ALA B 249 -38.91 5.49 -28.47
CA ALA B 249 -38.55 4.16 -28.01
C ALA B 249 -37.04 4.01 -27.91
N LEU B 250 -36.57 3.27 -26.92
CA LEU B 250 -35.13 2.96 -26.84
C LEU B 250 -34.80 1.77 -27.72
N THR B 251 -34.10 2.05 -28.83
CA THR B 251 -33.84 1.01 -29.84
C THR B 251 -32.45 1.08 -30.45
N PHE B 252 -32.02 -0.05 -30.98
CA PHE B 252 -30.87 -0.08 -31.88
C PHE B 252 -31.26 -0.88 -33.12
N TYR B 253 -30.54 -0.66 -34.22
CA TYR B 253 -30.78 -1.31 -35.50
C TYR B 253 -29.61 -2.25 -35.81
N CYS B 254 -29.88 -3.48 -36.22
CA CYS B 254 -28.78 -4.39 -36.62
C CYS B 254 -29.12 -5.27 -37.81
N ALA B 255 -28.09 -5.81 -38.46
CA ALA B 255 -28.28 -6.63 -39.66
C ALA B 255 -28.79 -8.04 -39.31
N ASN B 256 -29.73 -8.54 -40.10
CA ASN B 256 -30.18 -9.92 -39.98
C ASN B 256 -29.55 -10.79 -41.08
N PRO B 257 -29.73 -12.12 -41.01
CA PRO B 257 -29.05 -12.98 -42.00
C PRO B 257 -29.60 -12.87 -43.43
N SER B 258 -30.69 -12.13 -43.63
CA SER B 258 -31.19 -11.83 -44.98
C SER B 258 -30.72 -10.47 -45.52
N GLY B 259 -29.78 -9.84 -44.83
CA GLY B 259 -29.22 -8.57 -45.30
C GLY B 259 -30.04 -7.30 -45.07
N TRP B 260 -31.18 -7.42 -44.38
CA TRP B 260 -31.91 -6.23 -43.97
C TRP B 260 -31.84 -6.00 -42.44
N LEU B 261 -32.50 -4.97 -41.93
CA LEU B 261 -32.35 -4.61 -40.52
C LEU B 261 -33.48 -5.12 -39.60
N TRP B 262 -33.10 -5.64 -38.43
CA TRP B 262 -34.02 -5.76 -37.30
C TRP B 262 -33.71 -4.68 -36.26
N GLU B 263 -34.75 -4.21 -35.57
CA GLU B 263 -34.63 -3.13 -34.63
C GLU B 263 -35.18 -3.55 -33.27
N PRO B 264 -34.36 -4.22 -32.46
CA PRO B 264 -34.81 -4.50 -31.09
C PRO B 264 -35.04 -3.19 -30.34
N GLY B 265 -36.09 -3.13 -29.55
CA GLY B 265 -36.38 -1.95 -28.76
C GLY B 265 -37.07 -2.19 -27.42
N TRP B 266 -37.07 -1.16 -26.60
CA TRP B 266 -37.82 -1.15 -25.35
C TRP B 266 -38.46 0.22 -25.14
N GLY B 267 -39.67 0.23 -24.61
CA GLY B 267 -40.27 1.45 -24.06
C GLY B 267 -41.07 2.35 -24.99
N SER B 268 -41.47 1.83 -26.15
CA SER B 268 -42.24 2.63 -27.12
C SER B 268 -43.57 3.12 -26.55
N ARG B 269 -44.00 4.32 -26.98
CA ARG B 269 -45.26 4.93 -26.48
C ARG B 269 -46.41 4.78 -27.49
N PRO B 270 -47.64 5.19 -27.10
CA PRO B 270 -48.73 5.20 -28.07
C PRO B 270 -48.58 6.35 -29.08
N ALA B 271 -49.19 6.21 -30.26
CA ALA B 271 -49.18 7.32 -31.24
C ALA B 271 -50.01 8.49 -30.68
N PRO B 272 -49.51 9.74 -30.82
CA PRO B 272 -50.28 10.87 -30.29
C PRO B 272 -51.71 10.87 -30.83
N ALA B 273 -52.64 11.38 -30.03
CA ALA B 273 -54.05 11.45 -30.43
C ALA B 273 -54.18 12.12 -31.79
N GLN B 274 -53.24 13.03 -32.05
CA GLN B 274 -53.21 13.80 -33.28
C GLN B 274 -51.81 13.98 -33.83
N GLN B 275 -51.76 14.20 -35.15
CA GLN B 275 -50.55 14.21 -35.95
C GLN B 275 -49.57 15.30 -35.53
N GLU B 276 -48.30 14.93 -35.48
CA GLU B 276 -47.20 15.85 -35.21
C GLU B 276 -46.13 15.60 -36.26
N HIS B 277 -45.22 16.56 -36.44
CA HIS B 277 -44.04 16.30 -37.23
C HIS B 277 -42.77 16.81 -36.54
N TYR B 278 -41.64 16.23 -36.93
CA TYR B 278 -40.36 16.42 -36.24
C TYR B 278 -39.33 16.74 -37.31
N LEU B 279 -38.21 17.32 -36.89
CA LEU B 279 -37.09 17.59 -37.80
C LEU B 279 -35.89 16.67 -37.54
N ARG B 280 -35.95 15.90 -36.44
CA ARG B 280 -34.81 15.07 -35.97
C ARG B 280 -35.15 14.14 -34.78
N ASP B 281 -34.29 13.14 -34.59
CA ASP B 281 -34.36 12.21 -33.46
C ASP B 281 -33.97 12.90 -32.14
N ILE B 282 -34.38 12.30 -31.03
CA ILE B 282 -34.11 12.85 -29.69
C ILE B 282 -32.64 12.72 -29.29
N PHE B 283 -32.11 11.50 -29.40
CA PHE B 283 -30.68 11.25 -29.15
C PHE B 283 -30.24 9.91 -29.73
N GLY B 284 -28.93 9.71 -29.86
CA GLY B 284 -28.35 8.45 -30.31
C GLY B 284 -28.62 8.15 -31.78
N HIS B 285 -28.82 6.87 -32.09
CA HIS B 285 -29.03 6.40 -33.48
C HIS B 285 -27.92 6.87 -34.45
N ASP B 286 -26.71 7.02 -33.89
CA ASP B 286 -25.51 7.39 -34.64
C ASP B 286 -25.17 6.28 -35.66
N ASN B 287 -24.80 6.70 -36.87
CA ASN B 287 -24.70 5.81 -38.03
C ASN B 287 -23.52 4.82 -38.03
N ALA C 2 14.67 19.32 -1.78
CA ALA C 2 14.24 18.86 -0.42
C ALA C 2 14.22 17.34 -0.36
N LYS C 3 14.63 16.81 0.79
CA LYS C 3 14.92 15.39 0.92
C LYS C 3 14.41 14.87 2.28
N VAL C 4 14.28 13.55 2.37
CA VAL C 4 14.07 12.89 3.65
C VAL C 4 15.30 13.16 4.52
N THR C 5 15.10 13.34 5.82
CA THR C 5 16.20 13.65 6.74
C THR C 5 16.56 12.53 7.69
N GLU C 6 15.61 11.63 7.95
CA GLU C 6 15.83 10.47 8.83
C GLU C 6 14.73 9.43 8.70
N LEU C 7 15.03 8.21 9.13
CA LEU C 7 14.04 7.17 9.35
C LEU C 7 13.38 7.51 10.67
N GLY C 8 12.15 7.99 10.60
CA GLY C 8 11.44 8.55 11.78
C GLY C 8 10.74 7.52 12.65
N TYR C 9 9.94 6.66 12.04
CA TYR C 9 9.24 5.64 12.84
C TYR C 9 8.95 4.39 12.04
N LEU C 10 8.64 3.31 12.74
CA LEU C 10 8.22 2.09 12.10
C LEU C 10 6.87 1.67 12.68
N GLY C 11 5.98 1.20 11.80
CA GLY C 11 4.75 0.52 12.21
C GLY C 11 4.94 -0.97 12.07
N LEU C 12 4.57 -1.71 13.12
CA LEU C 12 4.75 -3.16 13.17
C LEU C 12 3.44 -3.87 13.49
N SER C 13 3.16 -4.95 12.75
CA SER C 13 2.06 -5.83 13.07
C SER C 13 2.62 -6.95 13.93
N VAL C 14 2.02 -7.15 15.10
CA VAL C 14 2.45 -8.22 16.02
C VAL C 14 1.23 -9.07 16.44
N SER C 15 1.50 -10.25 16.98
CA SER C 15 0.44 -11.18 17.41
C SER C 15 0.43 -11.39 18.93
N ASN C 16 1.46 -10.86 19.60
CA ASN C 16 1.62 -11.03 21.04
C ASN C 16 2.27 -9.79 21.68
N LEU C 17 1.43 -8.84 22.13
CA LEU C 17 1.90 -7.63 22.80
C LEU C 17 2.77 -7.87 24.03
N ASP C 18 2.36 -8.79 24.89
CA ASP C 18 3.09 -9.06 26.13
C ASP C 18 4.53 -9.45 25.93
N ALA C 19 4.76 -10.34 24.96
CA ALA C 19 6.12 -10.76 24.65
C ALA C 19 6.91 -9.54 24.20
N TRP C 20 6.30 -8.70 23.35
CA TRP C 20 6.98 -7.52 22.83
C TRP C 20 7.38 -6.56 23.94
N ARG C 21 6.46 -6.32 24.88
CA ARG C 21 6.73 -5.48 26.04
C ARG C 21 7.97 -5.97 26.79
N ASP C 22 7.99 -7.28 27.11
CA ASP C 22 9.13 -7.91 27.80
C ASP C 22 10.43 -7.81 27.00
N TYR C 23 10.31 -7.90 25.68
CA TYR C 23 11.48 -7.91 24.84
C TYR C 23 12.01 -6.50 24.63
N ALA C 24 11.16 -5.62 24.11
CA ALA C 24 11.60 -4.28 23.74
C ALA C 24 11.89 -3.40 24.94
N ALA C 25 11.10 -3.53 25.99
CA ALA C 25 11.31 -2.70 27.17
C ALA C 25 12.19 -3.41 28.17
N GLY C 26 11.75 -4.58 28.62
CA GLY C 26 12.46 -5.39 29.59
C GLY C 26 13.89 -5.77 29.29
N ILE C 27 14.23 -5.94 28.01
CA ILE C 27 15.60 -6.23 27.59
C ILE C 27 16.27 -5.05 26.85
N MSE C 28 15.62 -4.51 25.82
CA MSE C 28 16.26 -3.47 25.01
C MSE C 28 16.31 -2.09 25.71
O MSE C 28 17.23 -1.29 25.45
CB MSE C 28 15.63 -3.35 23.62
CG MSE C 28 15.82 -4.57 22.72
SE MSE C 28 17.63 -5.34 22.75
CE MSE C 28 17.31 -6.82 21.51
N GLY C 29 15.36 -1.83 26.59
CA GLY C 29 15.37 -0.59 27.38
C GLY C 29 14.47 0.51 26.86
N MSE C 30 13.66 0.18 25.85
CA MSE C 30 12.66 1.10 25.35
C MSE C 30 11.58 1.33 26.40
O MSE C 30 11.40 0.51 27.30
CB MSE C 30 12.07 0.58 24.04
CG MSE C 30 13.07 0.58 22.92
SE MSE C 30 12.28 -0.05 21.28
CE MSE C 30 13.85 0.05 20.14
N GLN C 31 10.87 2.45 26.28
CA GLN C 31 9.71 2.74 27.12
C GLN C 31 8.41 2.37 26.40
N VAL C 32 7.61 1.52 27.05
CA VAL C 32 6.25 1.22 26.60
C VAL C 32 5.32 2.43 26.86
N VAL C 33 4.68 2.91 25.81
CA VAL C 33 3.67 3.97 25.92
C VAL C 33 2.33 3.39 25.53
N ASP C 34 1.37 3.46 26.45
CA ASP C 34 0.03 2.93 26.24
C ASP C 34 -0.95 4.09 26.43
N ASP C 35 -1.59 4.51 25.34
CA ASP C 35 -2.54 5.63 25.33
C ASP C 35 -3.99 5.21 25.50
N GLY C 36 -4.22 3.97 25.91
CA GLY C 36 -5.56 3.47 26.14
C GLY C 36 -6.29 3.14 24.86
N GLU C 37 -5.54 2.97 23.77
CA GLU C 37 -6.11 2.55 22.51
C GLU C 37 -6.39 1.06 22.51
N ASP C 38 -7.44 0.68 21.80
CA ASP C 38 -7.89 -0.73 21.69
C ASP C 38 -6.85 -1.65 21.09
N ASP C 39 -6.17 -1.17 20.05
CA ASP C 39 -5.54 -2.05 19.09
C ASP C 39 -4.01 -1.92 19.00
N ARG C 40 -3.44 -1.04 19.81
CA ARG C 40 -2.05 -0.67 19.63
C ARG C 40 -1.42 -0.07 20.88
N ILE C 41 -0.12 -0.32 21.03
CA ILE C 41 0.69 0.38 22.02
C ILE C 41 1.94 0.94 21.34
N TYR C 42 2.72 1.74 22.06
CA TYR C 42 3.88 2.38 21.47
C TYR C 42 5.17 2.07 22.19
N LEU C 43 6.26 2.11 21.43
CA LEU C 43 7.59 1.97 21.98
C LEU C 43 8.37 3.27 21.78
N ARG C 44 8.91 3.78 22.88
CA ARG C 44 9.58 5.05 22.90
C ARG C 44 11.08 4.87 23.19
N MSE C 45 11.92 5.69 22.57
CA MSE C 45 13.40 5.61 22.67
C MSE C 45 14.09 6.95 22.95
O MSE C 45 15.31 7.01 23.18
CB MSE C 45 14.01 5.11 21.35
CG MSE C 45 13.41 3.87 20.76
SE MSE C 45 14.12 3.55 18.96
CE MSE C 45 16.03 3.58 19.33
N ASP C 46 13.31 8.04 22.94
CA ASP C 46 13.82 9.39 23.14
C ASP C 46 12.63 10.35 23.33
N ARG C 47 12.86 11.66 23.17
CA ARG C 47 11.83 12.69 23.38
C ARG C 47 10.56 12.54 22.57
N TRP C 48 10.66 11.88 21.42
CA TRP C 48 9.47 11.74 20.56
C TRP C 48 8.46 10.91 21.32
N HIS C 49 7.19 11.25 21.16
CA HIS C 49 6.13 10.41 21.69
C HIS C 49 6.46 8.93 21.43
N HIS C 50 6.99 8.61 20.25
CA HIS C 50 7.38 7.23 19.96
C HIS C 50 8.23 7.09 18.70
N ARG C 51 8.94 5.97 18.61
CA ARG C 51 9.62 5.58 17.39
C ARG C 51 8.98 4.33 16.76
N ILE C 52 8.33 3.49 17.56
CA ILE C 52 7.75 2.26 17.01
C ILE C 52 6.31 2.10 17.48
N VAL C 53 5.43 1.82 16.52
CA VAL C 53 4.03 1.51 16.80
C VAL C 53 3.80 0.02 16.69
N LEU C 54 3.11 -0.53 17.67
CA LEU C 54 2.82 -1.96 17.68
C LEU C 54 1.31 -2.20 17.55
N HIS C 55 0.88 -2.56 16.34
CA HIS C 55 -0.52 -2.89 16.04
C HIS C 55 -0.81 -4.36 16.32
N ALA C 56 -1.63 -4.62 17.33
CA ALA C 56 -1.93 -6.00 17.73
C ALA C 56 -2.98 -6.62 16.83
N ASP C 57 -2.62 -6.88 15.58
CA ASP C 57 -3.59 -7.31 14.58
C ASP C 57 -3.53 -8.81 14.26
N GLY C 58 -2.50 -9.50 14.73
CA GLY C 58 -2.38 -10.95 14.50
C GLY C 58 -1.25 -11.38 13.58
N SER C 59 -0.80 -10.48 12.71
CA SER C 59 0.31 -10.77 11.79
C SER C 59 1.63 -10.42 12.45
N ASP C 60 2.73 -10.96 11.92
CA ASP C 60 4.04 -10.66 12.46
C ASP C 60 4.95 -10.16 11.37
N ASP C 61 4.81 -8.87 11.05
CA ASP C 61 5.55 -8.26 9.96
C ASP C 61 5.58 -6.74 10.12
N LEU C 62 6.25 -6.08 9.18
CA LEU C 62 6.25 -4.62 9.08
C LEU C 62 4.93 -4.12 8.50
N ALA C 63 4.35 -3.10 9.14
CA ALA C 63 3.12 -2.46 8.65
C ALA C 63 3.38 -1.22 7.77
N TYR C 64 4.18 -0.26 8.27
CA TYR C 64 4.59 0.93 7.50
C TYR C 64 5.98 1.46 7.95
N ILE C 65 6.63 2.22 7.07
CA ILE C 65 7.90 2.89 7.36
C ILE C 65 7.68 4.41 7.22
N GLY C 66 7.98 5.17 8.26
CA GLY C 66 7.79 6.62 8.17
C GLY C 66 9.09 7.39 8.01
N TRP C 67 9.21 8.14 6.92
CA TRP C 67 10.38 9.00 6.69
C TRP C 67 10.09 10.48 6.96
N ARG C 68 10.93 11.10 7.78
CA ARG C 68 10.79 12.50 8.15
C ARG C 68 11.37 13.47 7.11
N VAL C 69 10.67 14.58 6.91
CA VAL C 69 11.20 15.75 6.23
C VAL C 69 11.13 16.92 7.19
N ALA C 70 11.84 18.00 6.89
CA ALA C 70 12.01 19.13 7.82
C ALA C 70 10.74 19.91 8.15
N GLY C 71 9.79 19.96 7.23
CA GLY C 71 8.60 20.81 7.38
C GLY C 71 7.66 20.72 6.19
N PRO C 72 6.54 21.49 6.23
CA PRO C 72 5.44 21.52 5.27
C PRO C 72 5.84 21.89 3.85
N VAL C 73 6.62 22.97 3.69
CA VAL C 73 7.15 23.36 2.39
C VAL C 73 7.90 22.16 1.81
N GLU C 74 8.81 21.56 2.59
CA GLU C 74 9.58 20.38 2.15
C GLU C 74 8.70 19.19 1.76
N LEU C 75 7.61 18.98 2.50
CA LEU C 75 6.66 17.91 2.18
C LEU C 75 5.97 18.16 0.84
N ASP C 76 5.50 19.39 0.64
CA ASP C 76 4.98 19.80 -0.67
C ASP C 76 5.97 19.54 -1.81
N GLU C 77 7.22 19.98 -1.63
CA GLU C 77 8.24 19.80 -2.65
C GLU C 77 8.46 18.33 -3.01
N LEU C 78 8.53 17.48 -1.99
CA LEU C 78 8.65 16.05 -2.22
C LEU C 78 7.40 15.43 -2.87
N ALA C 79 6.21 15.89 -2.47
CA ALA C 79 4.97 15.46 -3.11
C ALA C 79 4.97 15.73 -4.62
N GLU C 80 5.39 16.94 -5.00
CA GLU C 80 5.42 17.35 -6.41
C GLU C 80 6.43 16.55 -7.22
N GLN C 81 7.56 16.20 -6.60
CA GLN C 81 8.57 15.34 -7.22
C GLN C 81 8.04 13.93 -7.49
N LEU C 82 7.20 13.43 -6.59
CA LEU C 82 6.59 12.11 -6.73
C LEU C 82 5.59 12.12 -7.88
N LYS C 83 4.74 13.15 -7.90
CA LYS C 83 3.76 13.36 -8.94
C LYS C 83 4.43 13.47 -10.33
N ASN C 84 5.50 14.26 -10.41
CA ASN C 84 6.27 14.42 -11.66
C ASN C 84 7.04 13.18 -12.07
N ALA C 85 7.12 12.21 -11.16
CA ALA C 85 7.69 10.91 -11.47
C ALA C 85 6.56 9.88 -11.74
N GLY C 86 5.31 10.32 -11.62
CA GLY C 86 4.17 9.45 -11.85
C GLY C 86 4.08 8.35 -10.81
N ILE C 87 4.48 8.67 -9.58
CA ILE C 87 4.33 7.76 -8.44
C ILE C 87 3.07 8.16 -7.67
N PRO C 88 2.12 7.21 -7.52
CA PRO C 88 0.88 7.51 -6.80
C PRO C 88 1.10 7.69 -5.29
N PHE C 89 0.36 8.61 -4.69
CA PHE C 89 0.42 8.86 -3.25
C PHE C 89 -0.88 9.45 -2.75
N GLU C 90 -1.14 9.26 -1.46
CA GLU C 90 -2.31 9.81 -0.81
C GLU C 90 -1.87 10.96 0.09
N VAL C 91 -2.53 12.11 -0.04
CA VAL C 91 -2.32 13.22 0.88
C VAL C 91 -3.19 12.94 2.07
N ALA C 92 -2.56 12.60 3.18
CA ALA C 92 -3.29 12.31 4.40
C ALA C 92 -3.98 13.56 4.92
N SER C 93 -5.16 13.37 5.53
CA SER C 93 -5.88 14.46 6.16
C SER C 93 -5.30 14.70 7.54
N ASP C 94 -5.84 15.69 8.26
CA ASP C 94 -5.41 15.99 9.65
C ASP C 94 -5.67 14.81 10.62
N ALA C 95 -6.68 13.99 10.36
CA ALA C 95 -6.95 12.86 11.24
C ALA C 95 -6.00 11.70 11.01
N ASP C 96 -5.55 11.52 9.76
CA ASP C 96 -4.52 10.54 9.44
C ASP C 96 -3.16 10.95 10.04
N ALA C 97 -2.88 12.25 10.01
CA ALA C 97 -1.68 12.80 10.64
C ALA C 97 -1.74 12.70 12.16
N ALA C 98 -2.92 12.95 12.72
CA ALA C 98 -3.17 12.76 14.15
C ALA C 98 -2.93 11.32 14.58
N GLU C 99 -3.34 10.37 13.75
CA GLU C 99 -3.21 8.96 14.11
C GLU C 99 -1.72 8.55 14.21
N ARG C 100 -0.89 9.20 13.41
CA ARG C 100 0.53 8.87 13.33
C ARG C 100 1.39 9.67 14.32
N ARG C 101 0.71 10.59 15.02
CA ARG C 101 1.31 11.65 15.84
C ARG C 101 2.23 12.59 15.09
N VAL C 102 1.82 13.00 13.89
CA VAL C 102 2.60 13.94 13.10
C VAL C 102 1.74 15.12 12.66
N LEU C 103 2.35 16.18 12.14
CA LEU C 103 1.60 17.33 11.64
C LEU C 103 1.09 17.18 10.20
N GLY C 104 1.81 16.44 9.38
CA GLY C 104 1.40 16.26 8.00
C GLY C 104 2.05 15.03 7.43
N LEU C 105 1.41 14.40 6.46
CA LEU C 105 2.03 13.25 5.80
C LEU C 105 1.42 12.86 4.49
N VAL C 106 2.22 12.10 3.76
CA VAL C 106 1.89 11.54 2.48
C VAL C 106 2.07 10.02 2.62
N LYS C 107 1.18 9.24 2.06
CA LYS C 107 1.23 7.81 2.14
C LYS C 107 1.40 7.14 0.78
N LEU C 108 2.20 6.12 0.68
CA LEU C 108 2.56 5.49 -0.58
C LEU C 108 3.27 4.17 -0.47
N HIS C 109 3.73 3.68 -1.58
CA HIS C 109 4.43 2.44 -1.63
C HIS C 109 5.79 2.49 -2.32
N ASP C 110 6.75 1.74 -1.83
CA ASP C 110 8.00 1.60 -2.57
C ASP C 110 7.83 0.47 -3.61
N PRO C 111 8.76 0.36 -4.57
CA PRO C 111 8.60 -0.63 -5.65
C PRO C 111 8.32 -2.07 -5.19
N GLY C 112 8.82 -2.45 -4.02
CA GLY C 112 8.55 -3.77 -3.46
C GLY C 112 7.25 -3.92 -2.69
N GLY C 113 6.38 -2.92 -2.78
CA GLY C 113 5.09 -2.95 -2.10
C GLY C 113 5.10 -2.62 -0.61
N ASN C 114 6.21 -2.04 -0.13
CA ASN C 114 6.32 -1.71 1.29
C ASN C 114 5.67 -0.37 1.62
N PRO C 115 4.60 -0.39 2.43
CA PRO C 115 3.88 0.86 2.76
C PRO C 115 4.84 1.91 3.34
N THR C 116 4.82 3.09 2.73
CA THR C 116 5.85 4.08 2.92
C THR C 116 5.23 5.44 3.17
N GLU C 117 5.63 6.08 4.26
CA GLU C 117 5.09 7.37 4.63
C GLU C 117 6.18 8.40 4.75
N ILE C 118 5.84 9.63 4.38
CA ILE C 118 6.73 10.76 4.50
C ILE C 118 6.00 11.84 5.29
N PHE C 119 6.61 12.35 6.36
CA PHE C 119 5.93 13.25 7.29
C PHE C 119 6.82 14.39 7.78
N TYR C 120 6.21 15.44 8.29
CA TYR C 120 6.96 16.41 9.09
C TYR C 120 6.27 16.55 10.42
N GLY C 121 6.99 17.06 11.42
CA GLY C 121 6.37 17.45 12.69
C GLY C 121 5.94 16.34 13.63
N PRO C 122 6.88 15.46 14.03
CA PRO C 122 6.50 14.44 14.99
C PRO C 122 6.11 15.04 16.35
N GLN C 123 5.22 14.35 17.06
CA GLN C 123 4.89 14.66 18.45
C GLN C 123 6.09 14.35 19.34
N VAL C 124 6.40 15.32 20.20
CA VAL C 124 7.52 15.26 21.13
C VAL C 124 6.96 15.55 22.53
N ASP C 125 7.18 14.62 23.45
CA ASP C 125 6.74 14.77 24.82
C ASP C 125 7.89 15.27 25.69
N THR C 126 8.14 16.58 25.66
CA THR C 126 9.24 17.17 26.42
C THR C 126 8.86 17.49 27.85
N SER C 127 7.66 17.13 28.27
CA SER C 127 7.29 17.26 29.69
C SER C 127 7.49 15.95 30.45
N SER C 128 7.49 14.84 29.71
CA SER C 128 7.65 13.51 30.30
C SER C 128 8.89 12.87 29.71
N PRO C 129 10.04 13.04 30.37
CA PRO C 129 11.29 12.56 29.79
C PRO C 129 11.29 11.04 29.58
N PHE C 130 12.11 10.60 28.64
CA PHE C 130 12.37 9.19 28.42
C PHE C 130 12.68 8.48 29.73
N HIS C 131 11.92 7.42 30.00
CA HIS C 131 12.13 6.59 31.17
C HIS C 131 12.23 5.13 30.73
N PRO C 132 13.45 4.57 30.67
CA PRO C 132 13.64 3.26 30.05
C PRO C 132 12.94 2.13 30.80
N GLY C 133 12.59 1.06 30.08
CA GLY C 133 11.84 -0.08 30.63
C GLY C 133 12.69 -1.10 31.35
N ARG C 134 14.01 -0.92 31.28
CA ARG C 134 14.97 -1.53 32.19
C ARG C 134 16.03 -0.47 32.51
N PRO C 135 16.67 -0.57 33.69
CA PRO C 135 17.70 0.42 34.01
C PRO C 135 18.67 0.57 32.85
N MSE C 136 18.98 1.81 32.48
CA MSE C 136 20.01 2.05 31.45
C MSE C 136 21.14 2.93 31.95
O MSE C 136 20.91 3.92 32.67
CB MSE C 136 19.39 2.70 30.20
CG MSE C 136 18.44 1.80 29.43
SE MSE C 136 17.83 2.70 27.81
CE MSE C 136 19.50 2.75 26.82
N PHE C 137 22.37 2.58 31.55
CA PHE C 137 23.56 3.39 31.79
C PHE C 137 23.49 4.74 31.04
N GLY C 138 23.16 4.69 29.75
CA GLY C 138 23.04 5.88 28.91
C GLY C 138 21.71 6.00 28.19
N LYS C 139 21.73 6.27 26.89
CA LYS C 139 20.51 6.47 26.10
C LYS C 139 20.58 5.79 24.73
N PHE C 140 19.61 6.09 23.86
CA PHE C 140 19.65 5.58 22.49
C PHE C 140 20.21 6.68 21.61
N VAL C 141 20.95 6.30 20.56
CA VAL C 141 21.41 7.27 19.58
C VAL C 141 20.30 7.49 18.56
N THR C 142 19.69 8.67 18.57
CA THR C 142 18.70 9.03 17.61
C THR C 142 18.72 10.42 17.01
N GLU C 143 19.42 11.34 17.56
CA GLU C 143 19.25 12.70 17.17
C GLU C 143 19.67 12.96 15.77
N GLY C 144 18.77 13.42 14.96
CA GLY C 144 19.13 13.68 13.62
C GLY C 144 19.70 12.46 12.94
N GLN C 145 19.40 11.25 13.40
CA GLN C 145 19.87 10.00 12.80
C GLN C 145 18.74 9.01 12.63
N GLY C 146 17.60 9.30 13.25
CA GLY C 146 16.45 8.41 13.17
C GLY C 146 16.55 7.25 14.15
N LEU C 147 15.60 6.33 14.06
CA LEU C 147 15.48 5.24 15.02
C LEU C 147 16.63 4.23 14.93
N GLY C 148 17.11 4.00 13.70
CA GLY C 148 18.18 3.05 13.44
C GLY C 148 18.21 2.79 11.96
N HIS C 149 18.64 1.59 11.57
CA HIS C 149 18.55 1.20 10.16
C HIS C 149 17.85 -0.15 9.99
N ILE C 150 17.22 -0.32 8.85
CA ILE C 150 16.43 -1.53 8.57
C ILE C 150 16.87 -2.21 7.28
N ILE C 151 16.64 -3.52 7.19
CA ILE C 151 16.77 -4.25 5.93
C ILE C 151 15.39 -4.68 5.47
N ILE C 152 15.02 -4.30 4.25
CA ILE C 152 13.68 -4.60 3.73
C ILE C 152 13.69 -5.33 2.39
N ARG C 153 12.57 -5.97 2.09
CA ARG C 153 12.42 -6.77 0.86
C ARG C 153 12.24 -5.90 -0.38
N GLU C 154 13.06 -6.17 -1.39
CA GLU C 154 12.92 -5.54 -2.69
C GLU C 154 13.12 -6.59 -3.79
N ASP C 155 12.09 -6.77 -4.62
CA ASP C 155 12.17 -7.67 -5.78
C ASP C 155 12.98 -7.05 -6.92
N ASP C 156 12.94 -5.72 -7.02
CA ASP C 156 13.63 -4.98 -8.06
C ASP C 156 14.56 -3.99 -7.39
N VAL C 157 15.85 -4.34 -7.38
CA VAL C 157 16.85 -3.58 -6.65
C VAL C 157 17.10 -2.23 -7.31
N GLU C 158 17.21 -2.23 -8.64
CA GLU C 158 17.46 -0.99 -9.35
C GLU C 158 16.28 -0.03 -9.28
N GLU C 159 15.05 -0.57 -9.30
CA GLU C 159 13.84 0.24 -9.19
C GLU C 159 13.76 0.88 -7.80
N ALA C 160 14.10 0.10 -6.77
CA ALA C 160 14.09 0.59 -5.40
C ALA C 160 15.16 1.67 -5.20
N THR C 161 16.37 1.42 -5.68
CA THR C 161 17.44 2.41 -5.65
C THR C 161 16.96 3.75 -6.20
N ARG C 162 16.44 3.75 -7.42
CA ARG C 162 15.86 4.95 -8.04
C ARG C 162 14.74 5.61 -7.22
N PHE C 163 13.87 4.80 -6.62
CA PHE C 163 12.76 5.30 -5.82
C PHE C 163 13.28 6.09 -4.62
N TYR C 164 14.32 5.56 -3.99
CA TYR C 164 14.85 6.12 -2.77
C TYR C 164 15.84 7.27 -3.00
N ARG C 165 16.35 7.40 -4.22
CA ARG C 165 17.17 8.56 -4.57
C ARG C 165 16.27 9.75 -4.81
N LEU C 166 15.06 9.45 -5.27
CA LEU C 166 14.05 10.47 -5.46
C LEU C 166 13.67 11.07 -4.11
N LEU C 167 13.40 10.22 -3.12
CA LEU C 167 13.08 10.64 -1.74
C LEU C 167 14.20 11.46 -1.06
N GLY C 168 15.43 11.28 -1.56
CA GLY C 168 16.59 12.03 -1.09
C GLY C 168 17.70 11.25 -0.42
N LEU C 169 17.50 9.94 -0.25
CA LEU C 169 18.54 9.07 0.27
C LEU C 169 19.67 8.93 -0.77
N GLU C 170 20.87 8.68 -0.29
CA GLU C 170 22.04 8.54 -1.13
C GLU C 170 22.68 7.22 -0.79
N GLY C 171 23.35 6.64 -1.77
CA GLY C 171 24.09 5.41 -1.55
C GLY C 171 24.14 4.55 -2.79
N ALA C 172 24.65 3.33 -2.62
CA ALA C 172 24.91 2.41 -3.72
C ALA C 172 25.24 1.03 -3.14
N VAL C 173 25.67 0.11 -4.00
CA VAL C 173 26.15 -1.21 -3.59
C VAL C 173 27.28 -1.08 -2.58
N GLU C 174 27.21 -1.84 -1.50
CA GLU C 174 28.25 -1.75 -0.48
C GLU C 174 29.13 -2.98 -0.35
N TYR C 175 28.68 -4.11 -0.89
CA TYR C 175 29.41 -5.37 -0.76
C TYR C 175 29.25 -6.16 -2.04
N LYS C 176 30.25 -6.96 -2.35
CA LYS C 176 30.14 -7.96 -3.41
C LYS C 176 30.46 -9.32 -2.83
N PHE C 177 29.66 -10.32 -3.15
CA PHE C 177 29.94 -11.69 -2.73
C PHE C 177 29.45 -12.72 -3.74
N ALA C 178 30.21 -13.81 -3.81
CA ALA C 178 29.94 -14.92 -4.71
C ALA C 178 28.71 -15.70 -4.27
N LEU C 179 27.82 -15.93 -5.24
CA LEU C 179 26.69 -16.85 -5.07
C LEU C 179 27.07 -18.20 -5.67
N PRO C 180 26.35 -19.28 -5.26
CA PRO C 180 26.51 -20.65 -5.74
C PRO C 180 26.71 -20.80 -7.26
N ASN C 181 25.89 -20.11 -8.05
CA ASN C 181 25.89 -20.32 -9.50
C ASN C 181 26.87 -19.44 -10.28
N GLY C 182 27.73 -18.75 -9.57
CA GLY C 182 28.66 -17.82 -10.20
C GLY C 182 28.12 -16.40 -10.24
N ALA C 183 26.91 -16.19 -9.74
CA ALA C 183 26.33 -14.85 -9.68
C ALA C 183 27.02 -13.99 -8.64
N VAL C 184 26.74 -12.69 -8.67
CA VAL C 184 27.26 -11.76 -7.68
C VAL C 184 26.10 -11.05 -6.99
N GLY C 185 26.03 -11.22 -5.67
CA GLY C 185 25.10 -10.47 -4.83
C GLY C 185 25.68 -9.09 -4.57
N THR C 186 24.85 -8.07 -4.68
CA THR C 186 25.30 -6.69 -4.53
C THR C 186 24.31 -5.87 -3.70
N PRO C 187 24.31 -6.08 -2.37
CA PRO C 187 23.33 -5.38 -1.55
C PRO C 187 23.53 -3.88 -1.57
N VAL C 188 22.42 -3.13 -1.54
CA VAL C 188 22.46 -1.68 -1.60
C VAL C 188 22.23 -1.11 -0.19
N PHE C 189 23.08 -0.17 0.20
CA PHE C 189 23.00 0.51 1.48
C PHE C 189 22.88 2.01 1.23
N MSE C 190 21.97 2.66 1.95
CA MSE C 190 21.65 4.06 1.71
C MSE C 190 21.45 4.87 3.00
O MSE C 190 20.95 4.36 3.99
CB MSE C 190 20.39 4.19 0.86
CG MSE C 190 20.39 3.33 -0.38
SE MSE C 190 19.00 3.82 -1.61
CE MSE C 190 19.91 5.26 -2.56
N HIS C 191 21.81 6.15 2.94
CA HIS C 191 21.76 7.04 4.10
C HIS C 191 21.13 8.38 3.73
N CYS C 192 20.66 9.10 4.74
CA CYS C 192 20.10 10.43 4.53
C CYS C 192 20.56 11.39 5.59
N ASN C 193 21.58 10.99 6.34
CA ASN C 193 22.12 11.79 7.44
C ASN C 193 23.42 11.18 7.95
N ASP C 194 23.83 11.57 9.16
CA ASP C 194 25.08 11.08 9.74
C ASP C 194 25.12 9.57 9.99
N ARG C 195 23.97 8.94 10.17
CA ARG C 195 23.92 7.49 10.40
C ARG C 195 24.45 6.77 9.16
N HIS C 196 25.35 5.82 9.35
CA HIS C 196 26.04 5.19 8.21
C HIS C 196 25.06 4.88 7.10
N HIS C 197 24.03 4.12 7.44
CA HIS C 197 22.92 3.88 6.55
C HIS C 197 21.61 3.87 7.34
N SER C 198 20.52 4.16 6.66
CA SER C 198 19.18 4.07 7.25
C SER C 198 18.47 2.88 6.67
N LEU C 199 18.94 2.44 5.50
CA LEU C 199 18.22 1.47 4.71
C LEU C 199 19.14 0.58 3.89
N ALA C 200 18.78 -0.70 3.80
CA ALA C 200 19.43 -1.63 2.89
C ALA C 200 18.43 -2.62 2.27
N PHE C 201 18.83 -3.17 1.12
CA PHE C 201 18.09 -4.22 0.45
C PHE C 201 19.02 -4.87 -0.56
N GLY C 202 18.51 -5.88 -1.25
CA GLY C 202 19.29 -6.62 -2.24
C GLY C 202 20.08 -7.75 -1.59
N VAL C 203 19.58 -8.21 -0.45
CA VAL C 203 20.22 -9.29 0.30
C VAL C 203 19.62 -10.65 -0.04
N GLY C 204 18.74 -10.68 -1.02
CA GLY C 204 18.12 -11.93 -1.49
C GLY C 204 16.67 -12.11 -1.07
N PRO C 205 16.11 -13.30 -1.33
CA PRO C 205 14.71 -13.63 -1.00
C PRO C 205 14.40 -13.52 0.50
N MSE C 206 13.19 -13.08 0.81
CA MSE C 206 12.76 -12.82 2.18
C MSE C 206 11.29 -13.19 2.30
O MSE C 206 10.50 -12.85 1.42
CB MSE C 206 12.94 -11.34 2.52
CG MSE C 206 14.38 -10.85 2.61
SE MSE C 206 14.51 -8.92 2.84
CE MSE C 206 13.24 -8.74 4.30
N ASP C 207 10.92 -13.87 3.38
CA ASP C 207 9.52 -14.25 3.63
C ASP C 207 8.69 -13.13 4.29
N LYS C 208 9.37 -12.19 4.94
CA LYS C 208 8.73 -11.02 5.54
C LYS C 208 9.23 -9.77 4.85
N ARG C 209 8.51 -8.67 4.99
CA ARG C 209 8.92 -7.38 4.40
C ARG C 209 10.20 -6.86 5.03
N ILE C 210 10.39 -7.13 6.32
CA ILE C 210 11.55 -6.65 7.05
C ILE C 210 12.43 -7.82 7.50
N ASN C 211 13.74 -7.64 7.41
CA ASN C 211 14.70 -8.68 7.81
C ASN C 211 15.25 -8.41 9.20
N HIS C 212 15.79 -7.21 9.37
CA HIS C 212 16.31 -6.79 10.65
C HIS C 212 16.15 -5.31 10.90
N LEU C 213 16.34 -4.96 12.17
CA LEU C 213 16.39 -3.57 12.61
C LEU C 213 17.62 -3.40 13.51
N MSE C 214 18.39 -2.36 13.24
CA MSE C 214 19.50 -1.98 14.11
C MSE C 214 19.08 -0.82 14.97
O MSE C 214 18.52 0.18 14.50
CB MSE C 214 20.72 -1.60 13.27
CG MSE C 214 22.03 -1.44 14.04
SE MSE C 214 22.40 0.32 14.80
CE MSE C 214 21.76 1.51 13.40
N ILE C 215 19.33 -0.97 16.26
CA ILE C 215 19.20 0.14 17.19
C ILE C 215 20.57 0.35 17.86
N GLU C 216 20.88 1.58 18.23
CA GLU C 216 22.22 1.90 18.72
C GLU C 216 22.16 2.54 20.11
N TYR C 217 22.97 2.01 21.04
CA TYR C 217 23.13 2.60 22.38
C TYR C 217 24.26 3.62 22.39
N THR C 218 24.13 4.69 23.18
CA THR C 218 25.20 5.68 23.37
C THR C 218 26.35 5.10 24.19
N HIS C 219 26.04 4.09 25.00
CA HIS C 219 26.97 3.49 25.95
C HIS C 219 27.08 1.99 25.72
N LEU C 220 28.31 1.50 25.71
CA LEU C 220 28.63 0.11 25.46
C LEU C 220 28.07 -0.78 26.57
N ASP C 221 28.05 -0.26 27.79
CA ASP C 221 27.60 -1.02 28.94
C ASP C 221 26.13 -1.40 28.83
N ASP C 222 25.36 -0.63 28.06
CA ASP C 222 23.97 -0.97 27.81
C ASP C 222 23.87 -2.10 26.79
N LEU C 223 24.74 -2.09 25.78
CA LEU C 223 24.86 -3.23 24.87
C LEU C 223 25.22 -4.48 25.66
N GLY C 224 26.22 -4.34 26.53
CA GLY C 224 26.65 -5.42 27.41
C GLY C 224 25.52 -5.98 28.24
N TYR C 225 24.74 -5.08 28.86
CA TYR C 225 23.58 -5.40 29.68
C TYR C 225 22.51 -6.19 28.92
N ALA C 226 22.07 -5.65 27.78
CA ALA C 226 21.16 -6.33 26.86
C ALA C 226 21.68 -7.73 26.50
N HIS C 227 22.93 -7.82 26.05
CA HIS C 227 23.54 -9.10 25.70
C HIS C 227 23.38 -10.11 26.85
N ASP C 228 23.66 -9.66 28.07
CA ASP C 228 23.57 -10.49 29.26
C ASP C 228 22.18 -11.04 29.55
N LEU C 229 21.14 -10.20 29.41
CA LEU C 229 19.78 -10.64 29.65
C LEU C 229 19.33 -11.65 28.59
N VAL C 230 19.80 -11.47 27.37
CA VAL C 230 19.47 -12.38 26.26
C VAL C 230 20.09 -13.76 26.49
N ARG C 231 21.31 -13.80 27.02
CA ARG C 231 21.96 -15.06 27.39
C ARG C 231 21.25 -15.70 28.58
N GLN C 232 20.77 -14.86 29.50
CA GLN C 232 20.02 -15.31 30.67
C GLN C 232 18.68 -15.95 30.26
N GLN C 233 18.12 -15.42 29.17
CA GLN C 233 16.85 -15.87 28.59
C GLN C 233 16.89 -16.56 27.24
N LYS C 234 18.04 -17.07 26.85
CA LYS C 234 18.21 -18.01 25.76
C LYS C 234 17.57 -17.60 24.45
N ILE C 235 17.68 -16.35 24.09
CA ILE C 235 17.07 -15.88 22.86
C ILE C 235 18.07 -16.18 21.80
N ASP C 236 17.61 -16.29 20.57
CA ASP C 236 18.55 -16.65 19.55
C ASP C 236 19.31 -15.46 19.12
N VAL C 237 20.61 -15.51 19.37
CA VAL C 237 21.59 -14.62 18.85
C VAL C 237 22.07 -15.44 17.66
N THR C 238 21.57 -15.09 16.52
CA THR C 238 21.93 -15.70 15.24
C THR C 238 23.32 -15.30 14.74
N LEU C 239 23.76 -14.10 15.11
CA LEU C 239 25.11 -13.64 14.81
C LEU C 239 25.79 -13.02 16.03
N GLN C 240 26.96 -13.55 16.39
CA GLN C 240 27.72 -13.10 17.57
C GLN C 240 28.33 -11.70 17.38
N ILE C 241 28.78 -11.12 18.50
CA ILE C 241 29.42 -9.80 18.54
C ILE C 241 30.43 -9.62 17.40
N GLY C 242 30.34 -8.50 16.69
CA GLY C 242 31.21 -8.27 15.53
C GLY C 242 31.07 -6.93 14.83
N LYS C 243 31.98 -6.69 13.88
CA LYS C 243 31.99 -5.47 13.09
C LYS C 243 31.75 -5.72 11.62
N HIS C 244 30.75 -5.04 11.05
CA HIS C 244 30.65 -4.93 9.60
C HIS C 244 31.68 -3.94 9.06
N SER C 245 32.16 -4.19 7.85
CA SER C 245 33.09 -3.32 7.16
C SER C 245 32.52 -1.93 6.91
N ASN C 246 31.23 -1.87 6.61
CA ASN C 246 30.60 -0.61 6.21
C ASN C 246 30.34 0.36 7.37
N ASP C 247 29.40 0.01 8.25
CA ASP C 247 29.05 0.87 9.38
C ASP C 247 30.10 0.85 10.49
N GLU C 248 31.01 -0.12 10.42
CA GLU C 248 32.04 -0.35 11.45
C GLU C 248 31.48 -0.26 12.87
N ALA C 249 30.29 -0.83 13.07
CA ALA C 249 29.61 -0.80 14.36
C ALA C 249 29.86 -2.10 15.10
N LEU C 250 29.86 -2.02 16.44
CA LEU C 250 29.86 -3.21 17.28
C LEU C 250 28.43 -3.63 17.67
N THR C 251 27.98 -4.76 17.12
CA THR C 251 26.59 -5.19 17.22
C THR C 251 26.47 -6.69 17.41
N PHE C 252 25.36 -7.12 18.01
CA PHE C 252 24.95 -8.53 17.94
C PHE C 252 23.53 -8.66 17.43
N TYR C 253 23.29 -9.62 16.52
CA TYR C 253 21.96 -9.89 15.95
C TYR C 253 21.22 -10.86 16.87
N CYS C 254 19.89 -10.72 16.98
CA CYS C 254 19.05 -11.64 17.77
C CYS C 254 17.53 -11.52 17.47
N ALA C 255 16.78 -12.57 17.82
CA ALA C 255 15.39 -12.73 17.42
C ALA C 255 14.39 -12.02 18.32
N ASN C 256 13.47 -11.27 17.70
CA ASN C 256 12.38 -10.64 18.42
C ASN C 256 11.13 -11.55 18.41
N PRO C 257 10.08 -11.19 19.19
CA PRO C 257 8.88 -12.04 19.28
C PRO C 257 8.06 -12.19 18.00
N SER C 258 8.29 -11.34 17.00
CA SER C 258 7.61 -11.47 15.70
C SER C 258 8.36 -12.42 14.73
N GLY C 259 9.47 -12.99 15.16
CA GLY C 259 10.18 -13.96 14.33
C GLY C 259 11.29 -13.42 13.43
N TRP C 260 11.49 -12.10 13.43
CA TRP C 260 12.61 -11.53 12.68
C TRP C 260 13.70 -11.01 13.64
N LEU C 261 14.69 -10.29 13.10
CA LEU C 261 15.90 -9.95 13.88
C LEU C 261 16.04 -8.49 14.28
N TRP C 262 16.36 -8.30 15.55
CA TRP C 262 16.87 -7.02 16.03
C TRP C 262 18.40 -7.13 16.21
N GLU C 263 19.09 -6.06 15.84
CA GLU C 263 20.55 -5.98 15.95
C GLU C 263 20.92 -4.82 16.88
N PRO C 264 20.91 -5.03 18.22
CA PRO C 264 21.39 -3.96 19.07
C PRO C 264 22.89 -3.68 18.88
N GLY C 265 23.26 -2.41 18.87
CA GLY C 265 24.64 -2.06 18.56
C GLY C 265 25.20 -0.86 19.28
N TRP C 266 26.51 -0.67 19.17
CA TRP C 266 27.16 0.50 19.73
C TRP C 266 28.28 0.97 18.79
N GLY C 267 28.46 2.29 18.71
CA GLY C 267 29.62 2.89 18.03
C GLY C 267 29.61 2.82 16.52
N SER C 268 28.47 3.15 15.91
CA SER C 268 28.37 3.21 14.45
C SER C 268 29.11 4.45 13.94
N ARG C 269 29.79 4.31 12.79
CA ARG C 269 30.52 5.43 12.19
C ARG C 269 29.65 6.11 11.16
N PRO C 270 29.96 7.37 10.78
CA PRO C 270 29.15 8.01 9.74
C PRO C 270 29.35 7.37 8.36
N ALA C 271 28.41 7.60 7.46
CA ALA C 271 28.58 7.17 6.08
C ALA C 271 29.70 8.02 5.46
N PRO C 272 30.72 7.38 4.86
CA PRO C 272 31.83 8.13 4.27
C PRO C 272 31.36 9.20 3.30
N ALA C 273 32.14 10.26 3.18
CA ALA C 273 31.87 11.29 2.19
C ALA C 273 31.53 10.64 0.85
N GLN C 274 32.30 9.60 0.49
CA GLN C 274 32.17 8.96 -0.81
C GLN C 274 31.99 7.45 -0.80
N GLN C 275 31.32 6.98 -1.85
CA GLN C 275 30.99 5.58 -2.02
C GLN C 275 32.26 4.74 -2.09
N GLU C 276 32.20 3.58 -1.43
CA GLU C 276 33.24 2.56 -1.46
C GLU C 276 32.54 1.20 -1.27
N HIS C 277 33.20 0.10 -1.62
CA HIS C 277 32.61 -1.22 -1.39
C HIS C 277 33.62 -2.21 -0.81
N TYR C 278 33.12 -3.32 -0.30
CA TYR C 278 33.91 -4.35 0.39
C TYR C 278 33.61 -5.73 -0.19
N LEU C 279 34.58 -6.65 -0.07
CA LEU C 279 34.31 -8.06 -0.35
C LEU C 279 33.93 -8.87 0.92
N ARG C 280 34.50 -8.51 2.07
CA ARG C 280 34.12 -9.12 3.37
C ARG C 280 33.93 -8.12 4.54
N ASP C 281 33.54 -8.64 5.71
CA ASP C 281 33.39 -7.83 6.93
C ASP C 281 34.66 -7.85 7.79
N ILE C 282 34.70 -7.04 8.85
CA ILE C 282 35.92 -6.85 9.65
C ILE C 282 36.19 -8.04 10.59
N PHE C 283 35.33 -8.24 11.58
CA PHE C 283 35.46 -9.35 12.52
C PHE C 283 34.12 -9.82 13.09
N GLY C 284 34.11 -11.05 13.62
CA GLY C 284 32.96 -11.57 14.33
C GLY C 284 31.79 -11.90 13.41
N HIS C 285 30.58 -11.69 13.91
CA HIS C 285 29.35 -12.00 13.18
C HIS C 285 29.37 -13.41 12.58
N ALA D 2 60.58 9.70 45.47
CA ALA D 2 60.64 8.96 44.17
C ALA D 2 59.68 7.77 44.14
N LYS D 3 59.06 7.55 42.98
CA LYS D 3 58.10 6.49 42.80
C LYS D 3 58.36 5.77 41.47
N VAL D 4 57.94 4.52 41.36
CA VAL D 4 57.98 3.84 40.07
C VAL D 4 56.93 4.46 39.16
N THR D 5 57.19 4.51 37.87
CA THR D 5 56.29 5.23 36.95
C THR D 5 55.49 4.29 36.07
N GLU D 6 56.01 3.10 35.80
CA GLU D 6 55.28 2.14 34.98
C GLU D 6 55.78 0.71 35.14
N LEU D 7 54.95 -0.23 34.73
CA LEU D 7 55.39 -1.61 34.57
C LEU D 7 56.15 -1.67 33.24
N GLY D 8 57.48 -1.65 33.31
CA GLY D 8 58.33 -1.49 32.14
C GLY D 8 58.54 -2.74 31.30
N TYR D 9 58.91 -3.84 31.95
CA TYR D 9 59.15 -5.11 31.23
C TYR D 9 58.84 -6.36 32.07
N LEU D 10 58.70 -7.49 31.39
CA LEU D 10 58.56 -8.80 32.05
C LEU D 10 59.55 -9.76 31.45
N GLY D 11 60.19 -10.55 32.28
CA GLY D 11 60.99 -11.68 31.82
C GLY D 11 60.14 -12.92 32.03
N LEU D 12 60.06 -13.75 31.00
CA LEU D 12 59.32 -15.00 31.07
C LEU D 12 60.28 -16.18 30.86
N SER D 13 60.07 -17.26 31.61
CA SER D 13 60.73 -18.55 31.35
C SER D 13 59.75 -19.41 30.56
N VAL D 14 60.18 -19.84 29.38
CA VAL D 14 59.33 -20.56 28.43
C VAL D 14 60.00 -21.86 27.92
N SER D 15 59.19 -22.84 27.56
CA SER D 15 59.72 -24.10 27.12
C SER D 15 59.71 -24.22 25.60
N ASN D 16 58.91 -23.38 24.94
CA ASN D 16 58.72 -23.51 23.50
C ASN D 16 58.71 -22.16 22.79
N LEU D 17 59.89 -21.70 22.37
CA LEU D 17 60.04 -20.41 21.65
C LEU D 17 59.21 -20.28 20.37
N ASP D 18 59.26 -21.29 19.51
CA ASP D 18 58.49 -21.26 18.23
C ASP D 18 56.99 -21.05 18.43
N ALA D 19 56.40 -21.77 19.39
CA ALA D 19 54.98 -21.64 19.71
C ALA D 19 54.65 -20.25 20.26
N TRP D 20 55.53 -19.72 21.09
CA TRP D 20 55.45 -18.31 21.51
C TRP D 20 55.57 -17.31 20.35
N ARG D 21 56.35 -17.62 19.31
CA ARG D 21 56.42 -16.74 18.14
C ARG D 21 55.08 -16.68 17.40
N ASP D 22 54.48 -17.85 17.19
CA ASP D 22 53.19 -17.96 16.52
C ASP D 22 52.11 -17.24 17.30
N TYR D 23 52.18 -17.38 18.63
CA TYR D 23 51.20 -16.81 19.51
C TYR D 23 51.34 -15.28 19.62
N ALA D 24 52.49 -14.83 20.13
CA ALA D 24 52.67 -13.41 20.46
C ALA D 24 52.82 -12.49 19.24
N ALA D 25 53.50 -12.97 18.20
CA ALA D 25 53.66 -12.19 16.99
C ALA D 25 52.54 -12.50 16.03
N GLY D 26 52.35 -13.79 15.76
CA GLY D 26 51.35 -14.25 14.78
C GLY D 26 49.91 -13.94 15.09
N ILE D 27 49.56 -13.89 16.37
CA ILE D 27 48.20 -13.61 16.78
C ILE D 27 48.06 -12.22 17.42
N MSE D 28 48.88 -11.96 18.43
CA MSE D 28 48.77 -10.73 19.21
C MSE D 28 49.32 -9.51 18.48
O MSE D 28 48.90 -8.39 18.75
CB MSE D 28 49.43 -10.90 20.58
CG MSE D 28 48.82 -12.01 21.46
SE MSE D 28 46.89 -11.79 21.73
CE MSE D 28 46.45 -13.53 22.51
N GLY D 29 50.25 -9.72 17.55
CA GLY D 29 50.78 -8.65 16.72
C GLY D 29 52.04 -8.00 17.26
N MSE D 30 52.68 -8.67 18.22
CA MSE D 30 53.96 -8.22 18.75
C MSE D 30 55.06 -8.50 17.73
O MSE D 30 54.88 -9.30 16.81
CB MSE D 30 54.25 -8.90 20.08
CG MSE D 30 53.38 -8.34 21.22
SE MSE D 30 53.84 -9.02 22.99
CE MSE D 30 52.39 -8.17 23.99
N GLN D 31 56.19 -7.80 17.87
CA GLN D 31 57.32 -7.97 16.96
C GLN D 31 58.39 -8.85 17.60
N VAL D 32 58.81 -9.88 16.89
CA VAL D 32 59.88 -10.76 17.40
C VAL D 32 61.23 -10.13 17.12
N VAL D 33 61.99 -9.93 18.19
CA VAL D 33 63.32 -9.41 18.08
C VAL D 33 64.29 -10.48 18.54
N ASP D 34 65.14 -10.90 17.62
CA ASP D 34 66.15 -11.91 17.87
C ASP D 34 67.51 -11.28 17.55
N ASP D 35 68.27 -10.95 18.59
CA ASP D 35 69.56 -10.30 18.46
C ASP D 35 70.74 -11.29 18.43
N GLY D 36 70.46 -12.58 18.30
CA GLY D 36 71.53 -13.57 18.16
C GLY D 36 71.85 -14.38 19.41
N GLU D 37 71.49 -13.85 20.58
CA GLU D 37 71.60 -14.56 21.85
C GLU D 37 71.01 -15.96 21.77
N ASP D 38 71.73 -16.91 22.36
CA ASP D 38 71.42 -18.34 22.25
C ASP D 38 70.28 -18.84 23.14
N ASP D 39 70.00 -18.09 24.20
CA ASP D 39 69.08 -18.51 25.26
C ASP D 39 67.81 -17.63 25.42
N ARG D 40 67.60 -16.69 24.50
CA ARG D 40 66.49 -15.77 24.62
C ARG D 40 66.16 -15.06 23.32
N ILE D 41 64.92 -14.61 23.24
CA ILE D 41 64.45 -13.71 22.20
C ILE D 41 63.53 -12.69 22.88
N TYR D 42 63.17 -11.64 22.16
CA TYR D 42 62.41 -10.55 22.78
C TYR D 42 61.09 -10.37 22.08
N LEU D 43 60.16 -9.72 22.79
CA LEU D 43 58.93 -9.30 22.19
C LEU D 43 58.83 -7.79 22.34
N ARG D 44 58.54 -7.13 21.23
CA ARG D 44 58.50 -5.68 21.17
C ARG D 44 57.08 -5.23 20.85
N MSE D 45 56.64 -4.16 21.53
CA MSE D 45 55.28 -3.64 21.40
C MSE D 45 55.22 -2.18 20.95
O MSE D 45 54.16 -1.71 20.55
CB MSE D 45 54.54 -3.76 22.73
CG MSE D 45 54.20 -5.16 23.16
SE MSE D 45 53.62 -5.12 25.02
CE MSE D 45 51.90 -4.22 24.80
N ASP D 46 56.35 -1.48 21.04
CA ASP D 46 56.44 -0.05 20.75
C ASP D 46 57.92 0.36 20.64
N ARG D 47 58.19 1.66 20.69
CA ARG D 47 59.58 2.21 20.57
C ARG D 47 60.68 1.43 21.28
N TRP D 48 60.39 0.94 22.49
CA TRP D 48 61.40 0.23 23.25
C TRP D 48 61.95 -0.95 22.46
N HIS D 49 63.23 -1.22 22.64
CA HIS D 49 63.81 -2.44 22.14
C HIS D 49 62.90 -3.67 22.37
N HIS D 50 62.34 -3.80 23.57
CA HIS D 50 61.42 -4.88 23.93
C HIS D 50 60.61 -4.49 25.16
N ARG D 51 59.47 -5.15 25.37
CA ARG D 51 58.72 -5.06 26.61
C ARG D 51 58.75 -6.39 27.35
N ILE D 52 59.03 -7.46 26.62
CA ILE D 52 59.05 -8.79 27.20
C ILE D 52 60.24 -9.62 26.72
N VAL D 53 60.85 -10.34 27.63
CA VAL D 53 62.00 -11.20 27.33
C VAL D 53 61.54 -12.64 27.45
N LEU D 54 61.84 -13.45 26.45
CA LEU D 54 61.53 -14.89 26.50
C LEU D 54 62.79 -15.71 26.71
N HIS D 55 62.92 -16.26 27.89
CA HIS D 55 64.08 -17.04 28.24
C HIS D 55 63.71 -18.48 28.00
N ALA D 56 64.44 -19.13 27.11
CA ALA D 56 64.14 -20.48 26.82
C ALA D 56 64.77 -21.51 27.78
N ASP D 57 64.59 -21.35 29.07
CA ASP D 57 65.16 -22.22 30.05
C ASP D 57 64.42 -23.51 30.30
N GLY D 58 63.40 -23.74 29.54
CA GLY D 58 62.57 -24.94 29.71
C GLY D 58 61.50 -24.88 30.81
N SER D 59 61.37 -23.75 31.48
CA SER D 59 60.32 -23.59 32.48
C SER D 59 59.16 -22.82 31.86
N ASP D 60 58.02 -22.75 32.53
CA ASP D 60 56.88 -21.99 31.99
C ASP D 60 56.19 -21.11 33.02
N ASP D 61 56.90 -20.05 33.42
CA ASP D 61 56.42 -19.15 34.47
C ASP D 61 57.10 -17.79 34.36
N LEU D 62 56.92 -16.96 35.37
CA LEU D 62 57.53 -15.64 35.44
C LEU D 62 58.99 -15.73 35.83
N ALA D 63 59.83 -14.93 35.17
CA ALA D 63 61.24 -14.84 35.55
C ALA D 63 61.53 -13.56 36.36
N TYR D 64 61.02 -12.42 35.90
CA TYR D 64 61.15 -11.14 36.62
C TYR D 64 60.16 -10.07 36.15
N ILE D 65 59.89 -9.11 37.04
CA ILE D 65 59.07 -7.92 36.77
C ILE D 65 59.94 -6.65 36.87
N GLY D 66 60.00 -5.84 35.80
CA GLY D 66 60.75 -4.58 35.84
C GLY D 66 59.86 -3.35 36.00
N TRP D 67 60.13 -2.54 37.02
CA TRP D 67 59.42 -1.28 37.24
C TRP D 67 60.34 -0.10 36.91
N ARG D 68 59.88 0.80 36.06
CA ARG D 68 60.66 1.95 35.61
C ARG D 68 60.63 3.07 36.65
N VAL D 69 61.77 3.74 36.82
CA VAL D 69 61.80 5.04 37.49
C VAL D 69 62.41 6.06 36.52
N ALA D 70 62.30 7.34 36.89
CA ALA D 70 62.58 8.44 35.95
C ALA D 70 64.03 8.61 35.56
N GLY D 71 64.95 8.28 36.46
CA GLY D 71 66.39 8.46 36.23
C GLY D 71 67.24 7.96 37.39
N PRO D 72 68.57 8.18 37.32
CA PRO D 72 69.49 7.71 38.38
C PRO D 72 69.25 8.32 39.77
N VAL D 73 68.78 9.57 39.83
CA VAL D 73 68.53 10.21 41.12
C VAL D 73 67.36 9.49 41.79
N GLU D 74 66.28 9.27 41.04
CA GLU D 74 65.10 8.57 41.55
C GLU D 74 65.42 7.12 41.93
N LEU D 75 66.26 6.46 41.14
CA LEU D 75 66.71 5.12 41.49
C LEU D 75 67.41 5.12 42.84
N ASP D 76 68.28 6.10 43.06
CA ASP D 76 68.96 6.21 44.35
C ASP D 76 68.02 6.47 45.53
N GLU D 77 67.11 7.42 45.37
CA GLU D 77 66.12 7.71 46.39
C GLU D 77 65.30 6.46 46.71
N LEU D 78 64.97 5.67 45.69
CA LEU D 78 64.19 4.45 45.91
C LEU D 78 65.02 3.37 46.61
N ALA D 79 66.28 3.23 46.22
CA ALA D 79 67.21 2.31 46.90
C ALA D 79 67.36 2.66 48.37
N GLU D 80 67.42 3.97 48.66
CA GLU D 80 67.55 4.44 50.03
C GLU D 80 66.29 4.14 50.85
N GLN D 81 65.12 4.28 50.24
CA GLN D 81 63.84 3.95 50.90
C GLN D 81 63.78 2.46 51.29
N LEU D 82 64.26 1.60 50.40
CA LEU D 82 64.39 0.16 50.63
C LEU D 82 65.35 -0.17 51.77
N LYS D 83 66.52 0.47 51.75
CA LYS D 83 67.48 0.28 52.83
C LYS D 83 66.85 0.66 54.17
N ASN D 84 66.11 1.77 54.20
CA ASN D 84 65.46 2.25 55.42
C ASN D 84 64.32 1.35 55.90
N ALA D 85 63.74 0.59 54.99
CA ALA D 85 62.64 -0.32 55.31
C ALA D 85 63.09 -1.72 55.71
N GLY D 86 64.40 -1.99 55.54
CA GLY D 86 64.96 -3.28 55.90
C GLY D 86 64.94 -4.30 54.79
N ILE D 87 64.57 -3.85 53.59
CA ILE D 87 64.38 -4.76 52.45
C ILE D 87 65.67 -4.96 51.67
N PRO D 88 66.19 -6.21 51.67
CA PRO D 88 67.42 -6.51 50.95
C PRO D 88 67.30 -6.20 49.46
N PHE D 89 68.33 -5.57 48.90
CA PHE D 89 68.39 -5.33 47.48
C PHE D 89 69.82 -5.36 46.99
N GLU D 90 69.97 -5.35 45.68
CA GLU D 90 71.25 -5.43 45.02
C GLU D 90 71.30 -4.38 43.91
N VAL D 91 72.27 -3.48 43.97
CA VAL D 91 72.51 -2.55 42.87
C VAL D 91 73.26 -3.34 41.79
N ALA D 92 72.58 -3.65 40.68
CA ALA D 92 73.20 -4.39 39.59
C ALA D 92 74.43 -3.68 39.05
N SER D 93 75.37 -4.45 38.52
CA SER D 93 76.55 -3.86 37.89
C SER D 93 76.12 -3.33 36.54
N ASP D 94 76.98 -2.53 35.92
CA ASP D 94 76.76 -2.06 34.55
C ASP D 94 76.46 -3.18 33.56
N ALA D 95 77.18 -4.30 33.66
CA ALA D 95 76.99 -5.41 32.72
C ALA D 95 75.65 -6.12 32.91
N ASP D 96 75.15 -6.10 34.14
CA ASP D 96 73.84 -6.66 34.46
C ASP D 96 72.72 -5.75 33.96
N ALA D 97 72.93 -4.44 34.09
CA ALA D 97 72.02 -3.45 33.51
C ALA D 97 72.02 -3.56 31.98
N ALA D 98 73.19 -3.76 31.38
CA ALA D 98 73.33 -3.91 29.93
C ALA D 98 72.62 -5.16 29.38
N GLU D 99 72.67 -6.24 30.14
CA GLU D 99 71.90 -7.45 29.83
C GLU D 99 70.41 -7.16 29.71
N ARG D 100 69.89 -6.33 30.62
CA ARG D 100 68.47 -5.91 30.60
C ARG D 100 68.15 -4.80 29.60
N ARG D 101 69.18 -4.21 28.97
CA ARG D 101 69.04 -3.05 28.06
C ARG D 101 68.56 -1.78 28.79
N VAL D 102 69.12 -1.57 29.97
CA VAL D 102 68.81 -0.40 30.80
C VAL D 102 70.11 0.23 31.27
N LEU D 103 70.04 1.45 31.77
CA LEU D 103 71.26 2.15 32.20
C LEU D 103 71.60 1.88 33.65
N GLY D 104 70.58 1.75 34.50
CA GLY D 104 70.74 1.45 35.91
C GLY D 104 69.62 0.53 36.39
N LEU D 105 69.96 -0.37 37.31
CA LEU D 105 69.07 -1.47 37.66
C LEU D 105 69.29 -1.90 39.10
N VAL D 106 68.20 -2.03 39.83
CA VAL D 106 68.20 -2.60 41.16
C VAL D 106 67.39 -3.91 41.16
N LYS D 107 67.98 -4.99 41.71
CA LYS D 107 67.29 -6.28 41.77
C LYS D 107 66.87 -6.61 43.20
N LEU D 108 65.66 -7.13 43.37
CA LEU D 108 65.17 -7.54 44.70
C LEU D 108 64.00 -8.52 44.55
N HIS D 109 63.33 -8.83 45.65
CA HIS D 109 62.13 -9.66 45.61
C HIS D 109 61.00 -9.02 46.40
N ASP D 110 59.77 -9.24 45.96
CA ASP D 110 58.65 -8.80 46.77
C ASP D 110 58.40 -9.83 47.90
N PRO D 111 57.47 -9.54 48.85
CA PRO D 111 57.24 -10.46 49.98
C PRO D 111 56.67 -11.82 49.59
N GLY D 112 56.16 -11.95 48.37
CA GLY D 112 55.73 -13.26 47.85
C GLY D 112 56.86 -14.02 47.16
N GLY D 113 58.05 -13.45 47.11
CA GLY D 113 59.21 -14.11 46.51
C GLY D 113 59.36 -13.88 45.01
N ASN D 114 58.53 -13.01 44.45
CA ASN D 114 58.60 -12.69 43.03
C ASN D 114 59.80 -11.79 42.72
N PRO D 115 60.67 -12.22 41.78
CA PRO D 115 61.79 -11.36 41.41
C PRO D 115 61.28 -10.05 40.84
N THR D 116 61.77 -8.96 41.40
CA THR D 116 61.32 -7.59 41.13
C THR D 116 62.55 -6.75 40.82
N GLU D 117 62.48 -5.97 39.75
CA GLU D 117 63.59 -5.13 39.35
C GLU D 117 63.15 -3.67 39.22
N ILE D 118 64.05 -2.75 39.53
CA ILE D 118 63.72 -1.34 39.44
C ILE D 118 64.80 -0.67 38.59
N PHE D 119 64.39 0.00 37.53
CA PHE D 119 65.39 0.47 36.56
C PHE D 119 65.06 1.84 36.04
N TYR D 120 66.07 2.50 35.50
CA TYR D 120 65.83 3.69 34.68
C TYR D 120 66.54 3.51 33.35
N GLY D 121 66.09 4.26 32.34
CA GLY D 121 66.78 4.36 31.05
C GLY D 121 66.74 3.13 30.15
N PRO D 122 65.52 2.71 29.73
CA PRO D 122 65.38 1.57 28.80
C PRO D 122 65.98 1.87 27.43
N GLN D 123 66.46 0.83 26.76
CA GLN D 123 66.90 0.97 25.39
C GLN D 123 65.70 1.22 24.49
N VAL D 124 65.76 2.30 23.72
CA VAL D 124 64.70 2.63 22.77
C VAL D 124 65.29 2.61 21.38
N ASP D 125 64.63 1.91 20.45
CA ASP D 125 65.08 1.84 19.07
C ASP D 125 64.27 2.81 18.21
N THR D 126 64.65 4.08 18.24
CA THR D 126 63.89 5.10 17.52
C THR D 126 64.08 4.98 16.02
N SER D 127 65.24 4.51 15.58
CA SER D 127 65.53 4.42 14.16
C SER D 127 64.97 3.19 13.47
N SER D 128 64.38 2.27 14.22
CA SER D 128 63.77 1.07 13.63
C SER D 128 62.35 0.94 14.17
N PRO D 129 61.37 1.42 13.40
CA PRO D 129 59.98 1.49 13.84
C PRO D 129 59.42 0.12 14.18
N PHE D 130 58.54 0.08 15.18
CA PHE D 130 57.81 -1.13 15.50
C PHE D 130 57.10 -1.67 14.25
N HIS D 131 57.34 -2.95 13.97
CA HIS D 131 56.75 -3.62 12.83
C HIS D 131 56.03 -4.90 13.31
N PRO D 132 54.68 -4.88 13.32
CA PRO D 132 53.91 -5.96 13.96
C PRO D 132 54.08 -7.33 13.29
N GLY D 133 53.90 -8.38 14.09
CA GLY D 133 54.09 -9.76 13.63
C GLY D 133 52.91 -10.29 12.84
N ARG D 134 51.83 -9.53 12.88
CA ARG D 134 50.69 -9.72 11.98
C ARG D 134 50.16 -8.33 11.62
N PRO D 135 49.27 -8.21 10.63
CA PRO D 135 48.81 -6.86 10.25
C PRO D 135 47.96 -6.22 11.34
N MSE D 136 48.28 -4.98 11.68
CA MSE D 136 47.57 -4.27 12.71
C MSE D 136 46.89 -3.01 12.18
O MSE D 136 47.47 -2.29 11.36
CB MSE D 136 48.49 -3.92 13.89
CG MSE D 136 48.88 -5.09 14.77
SE MSE D 136 49.83 -4.58 16.42
CE MSE D 136 48.44 -3.57 17.33
N PHE D 137 45.67 -2.76 12.62
CA PHE D 137 44.99 -1.50 12.33
C PHE D 137 45.70 -0.34 13.05
N GLY D 138 46.00 -0.55 14.33
CA GLY D 138 46.55 0.49 15.17
C GLY D 138 47.86 0.10 15.83
N LYS D 139 47.91 0.31 17.14
CA LYS D 139 49.13 0.07 17.93
C LYS D 139 48.76 -0.52 19.28
N PHE D 140 49.73 -0.59 20.19
CA PHE D 140 49.47 -0.96 21.58
C PHE D 140 49.44 0.31 22.41
N VAL D 141 48.73 0.26 23.52
CA VAL D 141 48.72 1.33 24.49
C VAL D 141 49.83 1.10 25.47
N THR D 142 50.87 1.88 25.34
CA THR D 142 51.96 1.87 26.25
C THR D 142 52.53 3.19 26.72
N GLU D 143 52.13 4.28 26.15
CA GLU D 143 52.87 5.50 26.37
C GLU D 143 52.58 5.96 27.77
N GLY D 144 53.63 6.01 28.55
CA GLY D 144 53.52 6.40 29.96
C GLY D 144 52.67 5.46 30.80
N GLN D 145 52.23 4.35 30.21
CA GLN D 145 51.28 3.46 30.87
C GLN D 145 51.84 2.06 31.17
N GLY D 146 53.04 1.78 30.69
CA GLY D 146 53.61 0.45 30.83
C GLY D 146 53.11 -0.50 29.76
N LEU D 147 53.52 -1.77 29.86
CA LEU D 147 53.15 -2.77 28.87
C LEU D 147 51.72 -3.32 29.05
N GLY D 148 51.18 -3.17 30.27
CA GLY D 148 49.87 -3.73 30.61
C GLY D 148 49.71 -3.99 32.10
N HIS D 149 48.97 -5.02 32.45
CA HIS D 149 48.83 -5.35 33.87
C HIS D 149 48.83 -6.84 34.17
N ILE D 150 49.24 -7.17 35.38
CA ILE D 150 49.49 -8.55 35.74
C ILE D 150 48.89 -8.87 37.07
N ILE D 151 48.31 -10.07 37.18
CA ILE D 151 47.98 -10.61 38.48
C ILE D 151 49.09 -11.59 38.89
N ILE D 152 49.69 -11.33 40.04
CA ILE D 152 50.77 -12.18 40.53
C ILE D 152 50.41 -12.82 41.88
N ARG D 153 51.12 -13.89 42.23
CA ARG D 153 50.89 -14.63 43.46
C ARG D 153 51.55 -13.94 44.65
N GLU D 154 50.81 -13.89 45.75
CA GLU D 154 51.30 -13.44 47.04
C GLU D 154 50.70 -14.35 48.13
N ASP D 155 51.48 -14.66 49.15
CA ASP D 155 51.01 -15.42 50.31
C ASP D 155 50.57 -14.48 51.45
N ASP D 156 51.09 -13.26 51.44
CA ASP D 156 50.74 -12.25 52.43
C ASP D 156 50.24 -11.00 51.71
N VAL D 157 48.93 -10.88 51.59
CA VAL D 157 48.34 -9.77 50.84
C VAL D 157 48.71 -8.41 51.44
N GLU D 158 48.66 -8.31 52.77
CA GLU D 158 48.94 -7.07 53.48
C GLU D 158 50.42 -6.66 53.38
N GLU D 159 51.34 -7.63 53.52
CA GLU D 159 52.77 -7.35 53.34
C GLU D 159 53.05 -6.85 51.92
N ALA D 160 52.45 -7.52 50.92
CA ALA D 160 52.64 -7.17 49.52
C ALA D 160 52.18 -5.73 49.24
N THR D 161 51.00 -5.39 49.75
CA THR D 161 50.47 -4.04 49.63
C THR D 161 51.42 -2.98 50.20
N ARG D 162 51.86 -3.17 51.44
CA ARG D 162 52.84 -2.27 52.07
C ARG D 162 54.14 -2.17 51.27
N PHE D 163 54.63 -3.30 50.74
CA PHE D 163 55.80 -3.30 49.90
C PHE D 163 55.53 -2.46 48.67
N TYR D 164 54.39 -2.69 48.01
CA TYR D 164 54.13 -1.99 46.75
C TYR D 164 53.86 -0.49 46.89
N ARG D 165 53.27 -0.08 48.01
CA ARG D 165 53.12 1.34 48.34
C ARG D 165 54.47 2.00 48.58
N LEU D 166 55.39 1.27 49.19
CA LEU D 166 56.73 1.78 49.35
C LEU D 166 57.43 2.06 47.99
N LEU D 167 57.11 1.26 46.99
CA LEU D 167 57.69 1.41 45.66
C LEU D 167 57.06 2.58 44.93
N GLY D 168 55.87 2.97 45.34
CA GLY D 168 55.24 4.18 44.84
C GLY D 168 53.83 3.93 44.35
N LEU D 169 53.48 2.66 44.14
CA LEU D 169 52.14 2.31 43.70
C LEU D 169 51.08 2.69 44.73
N GLU D 170 49.87 2.92 44.27
CA GLU D 170 48.73 3.26 45.08
C GLU D 170 47.55 2.35 44.84
N GLY D 171 46.85 1.97 45.85
CA GLY D 171 45.72 1.12 45.64
C GLY D 171 45.17 0.50 46.90
N ALA D 172 44.23 -0.40 46.75
CA ALA D 172 43.54 -1.05 47.82
C ALA D 172 42.75 -2.19 47.26
N VAL D 173 41.98 -2.83 48.14
CA VAL D 173 40.97 -3.78 47.74
C VAL D 173 39.92 -3.16 46.82
N GLU D 174 39.52 -3.85 45.81
CA GLU D 174 38.55 -3.35 44.86
C GLU D 174 37.29 -4.21 44.69
N TYR D 175 37.37 -5.48 45.10
CA TYR D 175 36.20 -6.37 45.09
C TYR D 175 36.10 -7.11 46.40
N LYS D 176 34.87 -7.33 46.83
CA LYS D 176 34.57 -8.28 47.90
C LYS D 176 33.76 -9.40 47.22
N PHE D 177 34.35 -10.60 47.18
CA PHE D 177 33.69 -11.72 46.51
C PHE D 177 33.75 -13.00 47.34
N ALA D 183 34.34 -17.71 53.09
CA ALA D 183 35.37 -16.72 53.40
C ALA D 183 35.48 -15.65 52.32
N VAL D 184 35.06 -14.44 52.68
CA VAL D 184 35.20 -13.27 51.82
C VAL D 184 36.64 -13.13 51.34
N GLY D 185 36.82 -13.08 50.01
CA GLY D 185 38.13 -12.85 49.41
C GLY D 185 38.23 -11.42 48.92
N THR D 186 39.44 -10.85 48.92
CA THR D 186 39.60 -9.41 48.73
C THR D 186 40.79 -9.02 47.83
N PRO D 187 40.65 -9.19 46.49
CA PRO D 187 41.74 -8.84 45.61
C PRO D 187 42.11 -7.36 45.70
N VAL D 188 43.41 -7.08 45.63
CA VAL D 188 43.94 -5.73 45.74
C VAL D 188 44.40 -5.32 44.34
N PHE D 189 44.13 -4.07 43.96
CA PHE D 189 44.54 -3.54 42.65
C PHE D 189 45.36 -2.28 42.82
N MSE D 190 46.42 -2.14 42.03
CA MSE D 190 47.34 -1.01 42.21
C MSE D 190 47.81 -0.36 40.91
O MSE D 190 47.95 -1.03 39.88
CB MSE D 190 48.52 -1.40 43.09
CG MSE D 190 48.11 -2.16 44.33
SE MSE D 190 49.47 -2.35 45.67
CE MSE D 190 49.80 -0.45 46.07
N HIS D 191 48.08 0.95 40.97
CA HIS D 191 48.47 1.75 39.82
C HIS D 191 49.59 2.73 40.14
N CYS D 192 50.28 3.20 39.11
CA CYS D 192 51.38 4.15 39.27
C CYS D 192 51.41 5.16 38.14
N ASN D 193 50.32 5.18 37.37
CA ASN D 193 50.15 6.06 36.21
C ASN D 193 48.68 5.99 35.74
N ASP D 194 48.42 6.44 34.52
CA ASP D 194 47.05 6.53 33.97
C ASP D 194 46.39 5.17 33.64
N ARG D 195 47.17 4.09 33.63
CA ARG D 195 46.58 2.77 33.40
C ARG D 195 45.83 2.38 34.67
N HIS D 196 44.60 1.88 34.52
CA HIS D 196 43.74 1.62 35.69
C HIS D 196 44.52 0.97 36.81
N HIS D 197 45.16 -0.14 36.47
CA HIS D 197 46.09 -0.77 37.34
C HIS D 197 47.19 -1.42 36.51
N SER D 198 48.35 -1.57 37.13
CA SER D 198 49.48 -2.27 36.55
C SER D 198 49.64 -3.61 37.24
N LEU D 199 49.06 -3.70 38.43
CA LEU D 199 49.33 -4.80 39.32
C LEU D 199 48.12 -5.19 40.16
N ALA D 200 47.86 -6.48 40.24
CA ALA D 200 46.85 -7.00 41.17
C ALA D 200 47.26 -8.32 41.82
N PHE D 201 46.82 -8.54 43.06
CA PHE D 201 47.01 -9.81 43.77
C PHE D 201 45.93 -10.09 44.81
N GLY D 202 46.00 -11.28 45.42
CA GLY D 202 45.04 -11.72 46.42
C GLY D 202 43.79 -12.31 45.81
N VAL D 203 43.98 -13.00 44.68
CA VAL D 203 42.87 -13.57 43.92
C VAL D 203 42.59 -15.02 44.31
N GLY D 204 43.40 -15.56 45.21
CA GLY D 204 43.24 -16.93 45.69
C GLY D 204 44.44 -17.78 45.30
N PRO D 205 44.41 -19.09 45.62
CA PRO D 205 45.58 -19.95 45.36
C PRO D 205 45.90 -20.06 43.87
N MSE D 206 47.19 -20.00 43.54
CA MSE D 206 47.65 -20.04 42.17
C MSE D 206 48.77 -21.05 42.05
O MSE D 206 49.67 -21.07 42.90
CB MSE D 206 48.16 -18.67 41.74
CG MSE D 206 47.14 -17.54 41.78
SE MSE D 206 48.04 -15.81 41.56
CE MSE D 206 49.27 -16.32 40.12
N ASP D 207 48.74 -21.85 40.98
CA ASP D 207 49.82 -22.82 40.73
C ASP D 207 51.11 -22.17 40.22
N LYS D 208 50.99 -21.04 39.53
CA LYS D 208 52.15 -20.30 38.99
C LYS D 208 52.36 -18.93 39.65
N ARG D 209 53.47 -18.27 39.34
CA ARG D 209 53.75 -16.93 39.88
C ARG D 209 52.87 -15.83 39.27
N ILE D 210 52.49 -16.02 38.01
CA ILE D 210 51.68 -15.04 37.28
C ILE D 210 50.39 -15.69 36.76
N ASN D 211 49.27 -15.01 36.95
CA ASN D 211 47.94 -15.53 36.57
C ASN D 211 47.56 -15.10 35.17
N HIS D 212 47.74 -13.81 34.89
CA HIS D 212 47.55 -13.30 33.55
C HIS D 212 48.29 -12.00 33.27
N LEU D 213 48.24 -11.62 32.00
CA LEU D 213 48.78 -10.37 31.53
C LEU D 213 47.76 -9.80 30.57
N MSE D 214 47.35 -8.57 30.85
CA MSE D 214 46.44 -7.85 30.00
C MSE D 214 47.32 -6.94 29.12
O MSE D 214 48.22 -6.26 29.62
CB MSE D 214 45.47 -7.06 30.87
CG MSE D 214 44.32 -6.31 30.15
SE MSE D 214 44.91 -4.72 29.14
CE MSE D 214 46.08 -3.84 30.43
N ILE D 215 47.09 -6.99 27.81
CA ILE D 215 47.70 -6.09 26.86
C ILE D 215 46.59 -5.36 26.15
N GLU D 216 46.87 -4.14 25.73
CA GLU D 216 45.81 -3.24 25.31
C GLU D 216 46.07 -2.69 23.93
N TYR D 217 45.05 -2.75 23.07
CA TYR D 217 45.12 -2.18 21.73
C TYR D 217 44.50 -0.79 21.71
N THR D 218 45.06 0.09 20.88
CA THR D 218 44.46 1.41 20.65
C THR D 218 43.16 1.29 19.86
N HIS D 219 43.15 0.35 18.91
CA HIS D 219 42.02 0.18 18.00
C HIS D 219 41.21 -1.08 18.32
N LEU D 220 39.90 -0.92 18.38
CA LEU D 220 38.98 -2.01 18.69
C LEU D 220 39.12 -3.15 17.68
N ASP D 221 39.31 -2.75 16.41
CA ASP D 221 39.44 -3.68 15.30
C ASP D 221 40.59 -4.68 15.47
N ASP D 222 41.62 -4.30 16.21
CA ASP D 222 42.74 -5.20 16.48
C ASP D 222 42.41 -6.32 17.47
N LEU D 223 41.51 -6.02 18.41
CA LEU D 223 41.04 -7.02 19.36
C LEU D 223 40.15 -8.05 18.66
N GLY D 224 39.29 -7.56 17.77
CA GLY D 224 38.46 -8.46 16.97
C GLY D 224 39.31 -9.35 16.06
N TYR D 225 40.35 -8.76 15.47
CA TYR D 225 41.25 -9.48 14.59
C TYR D 225 41.91 -10.63 15.36
N ALA D 226 42.32 -10.34 16.59
CA ALA D 226 42.94 -11.34 17.46
C ALA D 226 41.90 -12.37 17.93
N HIS D 227 40.70 -11.90 18.24
CA HIS D 227 39.63 -12.78 18.70
C HIS D 227 39.34 -13.86 17.66
N ASP D 228 39.36 -13.45 16.40
CA ASP D 228 39.04 -14.32 15.27
C ASP D 228 40.17 -15.29 14.94
N LEU D 229 41.42 -14.83 15.03
CA LEU D 229 42.57 -15.74 14.86
C LEU D 229 42.56 -16.85 15.92
N VAL D 230 42.22 -16.49 17.16
CA VAL D 230 42.11 -17.44 18.28
C VAL D 230 40.98 -18.47 18.07
N ARG D 231 39.93 -18.05 17.38
CA ARG D 231 38.79 -18.92 17.11
C ARG D 231 39.12 -19.87 15.95
N GLN D 232 39.78 -19.33 14.93
CA GLN D 232 40.21 -20.09 13.77
C GLN D 232 41.28 -21.12 14.16
N GLN D 233 42.23 -20.69 14.98
CA GLN D 233 43.27 -21.57 15.50
C GLN D 233 42.68 -22.49 16.58
N LYS D 234 41.39 -22.31 16.85
CA LYS D 234 40.62 -23.15 17.79
C LYS D 234 41.31 -23.34 19.14
N ILE D 235 41.64 -22.21 19.79
CA ILE D 235 42.40 -22.19 21.03
C ILE D 235 41.49 -21.94 22.24
N ASP D 236 42.03 -22.22 23.43
CA ASP D 236 41.28 -22.18 24.68
C ASP D 236 40.88 -20.77 25.11
N VAL D 237 39.58 -20.56 25.29
CA VAL D 237 39.04 -19.32 25.86
C VAL D 237 38.47 -19.63 27.25
N THR D 238 38.94 -18.90 28.25
CA THR D 238 38.49 -19.11 29.64
C THR D 238 37.42 -18.10 30.04
N LEU D 239 37.65 -16.82 29.73
CA LEU D 239 36.63 -15.79 29.92
C LEU D 239 36.27 -15.07 28.61
N GLN D 240 34.97 -15.03 28.30
CA GLN D 240 34.47 -14.41 27.07
C GLN D 240 34.52 -12.88 27.13
N ILE D 241 34.27 -12.25 25.98
CA ILE D 241 34.31 -10.80 25.86
C ILE D 241 33.41 -10.13 26.90
N GLY D 242 33.91 -9.10 27.54
CA GLY D 242 33.20 -8.45 28.64
C GLY D 242 33.96 -7.32 29.32
N LYS D 243 33.39 -6.85 30.45
CA LYS D 243 33.91 -5.71 31.20
C LYS D 243 33.95 -5.97 32.70
N HIS D 244 35.10 -5.73 33.33
CA HIS D 244 35.18 -5.65 34.79
C HIS D 244 34.64 -4.30 35.26
N SER D 245 34.02 -4.27 36.43
CA SER D 245 33.55 -3.02 37.01
C SER D 245 34.67 -1.99 37.21
N ASN D 246 35.88 -2.47 37.50
CA ASN D 246 36.96 -1.57 37.90
C ASN D 246 37.67 -0.83 36.76
N ASP D 247 38.32 -1.57 35.86
CA ASP D 247 39.01 -0.96 34.72
C ASP D 247 38.06 -0.54 33.58
N GLU D 248 36.86 -1.11 33.57
CA GLU D 248 35.83 -0.83 32.55
C GLU D 248 36.33 -1.02 31.11
N ALA D 249 37.22 -2.00 30.94
CA ALA D 249 37.84 -2.31 29.64
C ALA D 249 37.06 -3.41 28.95
N LEU D 250 37.10 -3.45 27.62
CA LEU D 250 36.60 -4.59 26.85
C LEU D 250 37.74 -5.57 26.54
N THR D 251 37.64 -6.78 27.10
CA THR D 251 38.75 -7.75 27.09
C THR D 251 38.26 -9.19 27.05
N PHE D 252 39.06 -10.07 26.43
CA PHE D 252 38.87 -11.54 26.57
C PHE D 252 40.12 -12.28 27.10
N TYR D 253 39.92 -13.49 27.63
CA TYR D 253 40.98 -14.24 28.31
C TYR D 253 41.27 -15.56 27.58
N CYS D 254 42.49 -15.71 27.05
CA CYS D 254 42.88 -16.97 26.41
C CYS D 254 44.24 -17.52 26.86
N ALA D 255 44.39 -18.84 26.76
CA ALA D 255 45.61 -19.55 27.14
C ALA D 255 46.78 -19.22 26.23
N ASN D 256 47.96 -19.05 26.82
CA ASN D 256 49.19 -18.89 26.05
C ASN D 256 49.99 -20.19 26.05
N PRO D 257 51.03 -20.30 25.20
CA PRO D 257 51.78 -21.56 25.13
C PRO D 257 52.46 -21.99 26.44
N SER D 258 52.46 -21.11 27.45
CA SER D 258 53.05 -21.43 28.76
C SER D 258 52.01 -21.94 29.75
N GLY D 259 50.76 -22.04 29.32
CA GLY D 259 49.71 -22.61 30.17
C GLY D 259 49.06 -21.62 31.13
N TRP D 260 49.35 -20.34 30.99
CA TRP D 260 48.57 -19.28 31.69
C TRP D 260 47.89 -18.32 30.71
N LEU D 261 47.22 -17.30 31.25
CA LEU D 261 46.33 -16.48 30.44
C LEU D 261 46.92 -15.17 29.97
N TRP D 262 46.59 -14.83 28.73
CA TRP D 262 46.69 -13.47 28.24
C TRP D 262 45.30 -12.92 28.11
N GLU D 263 45.16 -11.62 28.37
CA GLU D 263 43.89 -10.92 28.31
C GLU D 263 44.01 -9.76 27.30
N PRO D 264 43.86 -10.03 26.00
CA PRO D 264 43.88 -8.92 25.04
C PRO D 264 42.67 -8.01 25.28
N GLY D 265 42.89 -6.70 25.17
CA GLY D 265 41.88 -5.73 25.59
C GLY D 265 41.80 -4.47 24.76
N TRP D 266 40.78 -3.66 25.07
CA TRP D 266 40.54 -2.38 24.43
C TRP D 266 39.70 -1.46 25.34
N GLY D 267 40.12 -0.20 25.41
CA GLY D 267 39.30 0.85 26.05
C GLY D 267 39.33 0.89 27.56
N SER D 268 40.47 0.53 28.15
CA SER D 268 40.64 0.60 29.60
C SER D 268 40.64 2.05 30.04
N ARG D 269 39.95 2.36 31.15
CA ARG D 269 39.87 3.74 31.69
C ARG D 269 40.92 4.00 32.78
N PRO D 270 41.09 5.28 33.18
CA PRO D 270 42.05 5.49 34.26
C PRO D 270 41.47 5.03 35.61
N ALA D 271 42.35 4.83 36.59
CA ALA D 271 41.88 4.49 37.93
C ALA D 271 41.14 5.69 38.53
N PRO D 272 40.07 5.44 39.30
CA PRO D 272 39.39 6.56 39.95
C PRO D 272 40.36 7.24 40.92
N ALA D 273 40.31 8.56 41.01
CA ALA D 273 41.22 9.33 41.86
C ALA D 273 41.04 9.00 43.35
N GLN D 274 39.88 8.43 43.67
CA GLN D 274 39.60 7.94 45.01
C GLN D 274 39.14 6.50 44.97
N GLN D 275 39.56 5.72 45.96
CA GLN D 275 39.23 4.29 46.09
C GLN D 275 37.73 3.95 46.10
N GLU D 276 37.39 2.89 45.38
CA GLU D 276 36.04 2.33 45.31
C GLU D 276 36.14 0.81 45.51
N HIS D 277 35.01 0.16 45.76
CA HIS D 277 34.96 -1.30 45.71
C HIS D 277 33.63 -1.79 45.12
N TYR D 278 33.70 -2.90 44.41
CA TYR D 278 32.57 -3.45 43.67
C TYR D 278 32.25 -4.82 44.27
N LEU D 279 31.13 -5.40 43.84
CA LEU D 279 30.73 -6.74 44.26
C LEU D 279 30.73 -7.72 43.08
N ARG D 280 30.68 -7.16 41.87
CA ARG D 280 30.63 -7.94 40.61
C ARG D 280 31.02 -7.12 39.37
N ASP D 281 31.33 -7.81 38.28
CA ASP D 281 31.68 -7.19 36.99
C ASP D 281 30.44 -6.56 36.29
N ILE D 282 30.68 -5.80 35.23
CA ILE D 282 29.60 -5.13 34.50
C ILE D 282 28.82 -6.12 33.63
N PHE D 283 29.49 -6.67 32.61
CA PHE D 283 28.89 -7.70 31.74
C PHE D 283 29.94 -8.70 31.25
N GLY D 284 29.47 -9.78 30.62
CA GLY D 284 30.34 -10.74 29.94
C GLY D 284 31.23 -11.53 30.88
N HIS D 285 32.43 -11.85 30.40
CA HIS D 285 33.39 -12.68 31.13
C HIS D 285 32.77 -14.01 31.65
N ASP D 286 32.09 -14.72 30.75
CA ASP D 286 31.46 -16.01 31.10
C ASP D 286 32.44 -17.17 30.92
FE FE E . -21.82 3.80 -9.35
CA CA F . -6.85 4.67 8.17
C1 GOL G . -19.36 7.63 -25.03
O1 GOL G . -18.01 7.45 -25.41
C2 GOL G . -20.20 6.47 -25.55
O2 GOL G . -19.74 6.03 -26.80
C3 GOL G . -20.21 5.30 -24.55
O3 GOL G . -21.54 4.92 -24.29
C1 GOL H . -28.71 25.45 18.69
O1 GOL H . -28.49 24.27 19.43
C2 GOL H . -27.40 26.23 18.62
O2 GOL H . -26.44 25.50 17.89
C3 GOL H . -27.64 27.57 17.95
O3 GOL H . -26.56 28.41 18.25
FE FE I . -38.48 1.80 -36.79
C1 GOL J . -61.29 -24.29 -41.99
O1 GOL J . -62.31 -23.30 -42.00
C2 GOL J . -59.89 -23.70 -41.85
O2 GOL J . -59.90 -22.35 -42.24
C3 GOL J . -59.42 -23.78 -40.40
O3 GOL J . -58.02 -23.93 -40.33
FE FE K . 22.46 -3.88 10.16
C1 GOL L . -6.44 17.04 14.79
O1 GOL L . -5.62 17.93 14.06
C2 GOL L . -5.67 16.59 16.02
O2 GOL L . -5.21 17.76 16.67
C3 GOL L . -6.49 15.77 17.01
O3 GOL L . -5.86 15.82 18.27
FE FE M . 42.87 -8.03 34.16
C1 GOL N . 76.04 -0.26 31.29
O1 GOL N . 74.72 0.21 31.14
C2 GOL N . 76.98 0.27 30.21
O2 GOL N . 77.72 1.37 30.68
C3 GOL N . 77.94 -0.83 29.77
O3 GOL N . 78.01 -0.84 28.37
#